data_6GZF
#
_entry.id   6GZF
#
_cell.length_a   58.210
_cell.length_b   62.330
_cell.length_c   107.710
_cell.angle_alpha   90.000
_cell.angle_beta   95.640
_cell.angle_gamma   90.000
#
_symmetry.space_group_name_H-M   'P 1 21 1'
#
loop_
_entity.id
_entity.type
_entity.pdbx_description
1 polymer 'Glutathione S-transferase'
2 non-polymer 'SULFATE ION'
3 water water
#
_entity_poly.entity_id   1
_entity_poly.type   'polypeptide(L)'
_entity_poly.pdbx_seq_one_letter_code
;MHHHHHHMNMLVDGEWRTDAHELTAGDGSFERQATTFRNWVQDDSDARFQPEAGRYHLYVSYACPWAHRTLVTRTLKGLE
DAISVSVVDPYRAEDGWQFTPEKEGCTHDHVHDVDYLRELYVRAAPDVTCRVTVPVLWDTEEDTIVNNESEEIMRMFDTE
FDEFADHTVDLYPEGYQEKVDQIIDNIYEPINNGVYRAGFATEQEPYDEAVAELFGALAHWDDVLADQRYLAGDRLTEAD
IAMFTTLVRFDNVYHTHFMCNVQYIREFDNLWPYLRDLYQTHGIAETVEMDHITEHYYTTHPDVNPHRIVARGPDLDFEA
PHSRDELAGEPPAALVSSAGR
;
_entity_poly.pdbx_strand_id   A,B
#
# COMPACT_ATOMS: atom_id res chain seq x y z
N MET A 1 -17.20 10.99 -4.11
CA MET A 1 -18.47 11.15 -4.79
C MET A 1 -18.36 10.78 -6.26
N HIS A 2 -17.27 11.20 -6.88
CA HIS A 2 -17.13 11.12 -8.33
C HIS A 2 -16.40 9.87 -8.82
N HIS A 3 -15.55 9.30 -7.97
CA HIS A 3 -14.76 8.14 -8.37
C HIS A 3 -15.29 6.84 -7.77
N HIS A 4 -15.39 5.80 -8.60
CA HIS A 4 -16.01 4.55 -8.21
C HIS A 4 -15.16 3.33 -8.59
N HIS A 5 -15.26 2.27 -7.80
CA HIS A 5 -14.39 1.10 -7.99
C HIS A 5 -14.69 0.35 -9.28
N HIS A 6 -13.65 -0.26 -9.84
CA HIS A 6 -13.66 -0.81 -11.20
C HIS A 6 -14.82 -1.76 -11.50
N HIS A 7 -15.41 -2.36 -10.47
CA HIS A 7 -16.50 -3.29 -10.67
C HIS A 7 -17.82 -2.75 -10.12
N MET A 8 -17.94 -1.43 -10.05
CA MET A 8 -19.16 -0.83 -9.54
C MET A 8 -20.27 -0.88 -10.59
N ASN A 9 -21.48 -1.19 -10.13
CA ASN A 9 -22.61 -1.37 -11.03
C ASN A 9 -23.54 -0.16 -11.07
N MET A 10 -24.68 -0.32 -11.73
CA MET A 10 -25.51 0.82 -12.07
C MET A 10 -26.99 0.45 -12.22
N LEU A 11 -27.84 1.46 -12.06
CA LEU A 11 -29.26 1.34 -12.37
C LEU A 11 -29.54 2.16 -13.62
N VAL A 12 -30.07 1.52 -14.66
CA VAL A 12 -30.33 2.22 -15.92
C VAL A 12 -31.79 2.11 -16.32
N ASP A 13 -32.48 3.25 -16.30
CA ASP A 13 -33.92 3.32 -16.56
C ASP A 13 -34.68 2.34 -15.67
N GLY A 14 -34.25 2.23 -14.41
CA GLY A 14 -34.89 1.36 -13.45
C GLY A 14 -34.44 -0.09 -13.57
N GLU A 15 -33.33 -0.31 -14.26
CA GLU A 15 -32.84 -1.67 -14.48
C GLU A 15 -31.41 -1.85 -13.97
N TRP A 16 -31.22 -2.89 -13.16
CA TRP A 16 -29.90 -3.21 -12.62
C TRP A 16 -29.02 -3.82 -13.70
N ARG A 17 -27.82 -3.26 -13.88
CA ARG A 17 -26.86 -3.78 -14.84
C ARG A 17 -25.47 -3.91 -14.23
N THR A 18 -24.68 -4.84 -14.75
CA THR A 18 -23.31 -5.02 -14.30
C THR A 18 -22.42 -3.97 -14.96
N ASP A 19 -22.78 -3.58 -16.18
CA ASP A 19 -22.10 -2.50 -16.89
C ASP A 19 -22.93 -2.06 -18.10
N ALA A 20 -22.89 -0.76 -18.39
CA ALA A 20 -23.52 -0.21 -19.58
C ALA A 20 -22.46 0.49 -20.43
N HIS A 21 -21.91 -0.25 -21.38
CA HIS A 21 -20.74 0.21 -22.14
C HIS A 21 -20.96 1.51 -22.92
N GLU A 22 -22.18 1.76 -23.34
CA GLU A 22 -22.47 2.96 -24.13
C GLU A 22 -22.41 4.23 -23.28
N LEU A 23 -22.34 4.06 -21.97
CA LEU A 23 -22.33 5.20 -21.05
C LEU A 23 -21.04 5.26 -20.23
N THR A 24 -20.05 4.45 -20.58
CA THR A 24 -18.85 4.33 -19.75
C THR A 24 -17.54 4.62 -20.47
N ALA A 25 -17.61 5.26 -21.63
CA ALA A 25 -16.41 5.70 -22.33
C ALA A 25 -15.97 7.06 -21.78
N GLY A 26 -14.68 7.23 -21.58
CA GLY A 26 -14.17 8.49 -21.07
C GLY A 26 -14.32 8.66 -19.57
N ASP A 27 -13.63 9.66 -19.02
CA ASP A 27 -13.58 9.89 -17.57
C ASP A 27 -14.93 10.19 -16.95
N GLY A 28 -15.47 9.21 -16.21
CA GLY A 28 -16.69 9.39 -15.45
C GLY A 28 -17.88 9.90 -16.26
N SER A 29 -18.15 9.25 -17.39
CA SER A 29 -19.21 9.69 -18.29
C SER A 29 -20.59 9.27 -17.82
N PHE A 30 -20.66 8.16 -17.08
CA PHE A 30 -21.94 7.66 -16.58
C PHE A 30 -22.59 8.64 -15.62
N GLU A 31 -21.77 9.32 -14.83
CA GLU A 31 -22.27 10.22 -13.81
C GLU A 31 -22.87 11.47 -14.43
N ARG A 32 -22.41 11.83 -15.61
CA ARG A 32 -22.99 12.93 -16.36
C ARG A 32 -24.27 12.49 -17.07
N GLN A 33 -24.56 11.20 -16.96
CA GLN A 33 -25.81 10.63 -17.46
C GLN A 33 -26.71 10.24 -16.31
N ALA A 34 -26.30 10.61 -15.09
CA ALA A 34 -26.96 10.13 -13.88
C ALA A 34 -27.90 11.14 -13.25
N THR A 35 -28.92 10.62 -12.57
CA THR A 35 -29.85 11.43 -11.80
C THR A 35 -29.52 11.31 -10.31
N THR A 36 -29.55 12.43 -9.60
CA THR A 36 -29.35 12.39 -8.16
C THR A 36 -30.58 12.94 -7.44
N PHE A 37 -30.57 12.85 -6.11
CA PHE A 37 -31.71 13.29 -5.30
C PHE A 37 -31.30 14.44 -4.40
N ARG A 38 -31.84 15.63 -4.66
CA ARG A 38 -31.36 16.84 -4.01
C ARG A 38 -32.43 17.68 -3.31
N ASN A 39 -33.48 17.03 -2.82
CA ASN A 39 -34.47 17.74 -2.02
C ASN A 39 -33.91 18.06 -0.63
N TRP A 40 -34.42 19.11 -0.02
CA TRP A 40 -33.95 19.53 1.30
C TRP A 40 -35.05 19.44 2.36
N VAL A 41 -34.67 19.07 3.57
CA VAL A 41 -35.55 19.22 4.72
C VAL A 41 -35.37 20.65 5.22
N GLN A 42 -36.46 21.41 5.21
CA GLN A 42 -36.39 22.83 5.54
C GLN A 42 -37.34 23.22 6.65
N ASP A 43 -36.81 23.83 7.70
CA ASP A 43 -37.63 24.35 8.79
C ASP A 43 -38.44 25.55 8.29
N ASP A 44 -39.50 25.25 7.54
CA ASP A 44 -40.29 26.29 6.90
C ASP A 44 -41.72 25.79 6.67
N SER A 45 -42.70 26.53 7.18
CA SER A 45 -44.10 26.12 7.11
C SER A 45 -44.59 25.88 5.69
N ASP A 46 -43.96 26.56 4.73
CA ASP A 46 -44.33 26.41 3.32
C ASP A 46 -43.60 25.22 2.69
N ALA A 47 -42.49 24.83 3.30
CA ALA A 47 -41.63 23.79 2.72
C ALA A 47 -42.30 22.43 2.62
N ARG A 48 -41.88 21.66 1.63
CA ARG A 48 -42.41 20.32 1.39
C ARG A 48 -42.00 19.35 2.50
N PHE A 49 -40.69 19.17 2.67
CA PHE A 49 -40.17 18.32 3.72
C PHE A 49 -39.83 19.13 4.96
N GLN A 50 -40.75 19.19 5.91
CA GLN A 50 -40.52 19.87 7.17
C GLN A 50 -39.90 18.91 8.18
N PRO A 51 -39.05 19.44 9.08
CA PRO A 51 -38.40 18.62 10.10
C PRO A 51 -39.36 18.10 11.16
N GLU A 52 -39.55 16.78 11.21
CA GLU A 52 -40.36 16.16 12.24
C GLU A 52 -39.51 15.28 13.16
N ALA A 53 -40.12 14.76 14.21
CA ALA A 53 -39.38 14.05 15.25
C ALA A 53 -39.17 12.57 14.94
N GLY A 54 -40.12 11.95 14.24
CA GLY A 54 -40.01 10.53 13.93
C GLY A 54 -40.44 10.24 12.51
N ARG A 55 -39.76 10.87 11.56
CA ARG A 55 -40.19 10.82 10.17
C ARG A 55 -39.10 10.34 9.21
N TYR A 56 -37.92 10.95 9.31
CA TYR A 56 -36.86 10.71 8.33
C TYR A 56 -35.93 9.57 8.74
N HIS A 57 -35.60 8.71 7.79
CA HIS A 57 -34.75 7.55 8.04
C HIS A 57 -33.45 7.66 7.26
N LEU A 58 -32.36 7.16 7.85
CA LEU A 58 -31.04 7.30 7.26
C LEU A 58 -30.40 5.95 6.93
N TYR A 59 -29.88 5.82 5.72
CA TYR A 59 -29.19 4.60 5.30
C TYR A 59 -27.69 4.86 5.16
N VAL A 60 -26.89 4.11 5.89
CA VAL A 60 -25.43 4.29 5.85
C VAL A 60 -24.66 2.99 5.81
N SER A 61 -23.41 3.10 5.36
CA SER A 61 -22.41 2.07 5.59
C SER A 61 -21.36 2.67 6.51
N TYR A 62 -20.85 1.88 7.45
CA TYR A 62 -19.83 2.38 8.36
C TYR A 62 -18.50 2.59 7.64
N ALA A 63 -18.38 1.99 6.46
CA ALA A 63 -17.12 2.03 5.70
C ALA A 63 -17.02 3.26 4.82
N CYS A 64 -18.17 3.77 4.38
CA CYS A 64 -18.19 4.92 3.48
C CYS A 64 -17.96 6.23 4.25
N PRO A 65 -16.95 7.01 3.83
CA PRO A 65 -16.61 8.27 4.50
C PRO A 65 -17.63 9.36 4.21
N TRP A 66 -18.40 9.18 3.14
CA TRP A 66 -19.44 10.14 2.78
C TRP A 66 -20.65 9.92 3.68
N ALA A 67 -21.03 8.66 3.87
CA ALA A 67 -22.11 8.32 4.79
C ALA A 67 -21.70 8.62 6.22
N HIS A 68 -20.41 8.41 6.52
CA HIS A 68 -19.87 8.65 7.86
C HIS A 68 -20.02 10.11 8.27
N ARG A 69 -20.02 11.00 7.29
CA ARG A 69 -20.22 12.43 7.54
C ARG A 69 -21.57 12.69 8.20
N THR A 70 -22.60 12.00 7.72
CA THR A 70 -23.95 12.14 8.27
C THR A 70 -24.03 11.55 9.68
N LEU A 71 -23.28 10.47 9.91
CA LEU A 71 -23.29 9.81 11.22
C LEU A 71 -22.62 10.66 12.29
N VAL A 72 -21.49 11.28 11.96
CA VAL A 72 -20.78 12.14 12.89
C VAL A 72 -21.64 13.34 13.28
N THR A 73 -22.32 13.91 12.30
CA THR A 73 -23.20 15.05 12.54
C THR A 73 -24.40 14.65 13.39
N ARG A 74 -25.02 13.53 13.05
CA ARG A 74 -26.18 13.03 13.78
C ARG A 74 -25.86 12.80 15.25
N THR A 75 -24.66 12.30 15.52
CA THR A 75 -24.23 12.05 16.88
C THR A 75 -23.91 13.34 17.62
N LEU A 76 -23.22 14.25 16.95
CA LEU A 76 -22.86 15.54 17.54
C LEU A 76 -24.10 16.37 17.89
N LYS A 77 -25.10 16.29 17.01
CA LYS A 77 -26.33 17.06 17.21
C LYS A 77 -27.25 16.41 18.24
N GLY A 78 -27.10 15.11 18.42
CA GLY A 78 -28.00 14.35 19.26
C GLY A 78 -29.32 14.15 18.55
N LEU A 79 -29.24 13.59 17.35
CA LEU A 79 -30.42 13.41 16.50
C LEU A 79 -30.75 11.94 16.30
N GLU A 80 -30.14 11.08 17.10
CA GLU A 80 -30.37 9.64 16.99
C GLU A 80 -31.82 9.29 17.29
N ASP A 81 -32.36 9.87 18.37
CA ASP A 81 -33.74 9.64 18.76
C ASP A 81 -34.70 10.17 17.70
N ALA A 82 -34.30 11.25 17.04
CA ALA A 82 -35.14 11.89 16.05
C ALA A 82 -35.03 11.23 14.68
N ILE A 83 -33.82 10.85 14.31
CA ILE A 83 -33.60 10.26 12.99
C ILE A 83 -33.04 8.85 13.10
N SER A 84 -33.85 7.87 12.69
CA SER A 84 -33.47 6.47 12.74
C SER A 84 -32.45 6.13 11.65
N VAL A 85 -31.76 5.01 11.81
CA VAL A 85 -30.69 4.65 10.89
C VAL A 85 -30.59 3.14 10.65
N SER A 86 -30.34 2.76 9.40
CA SER A 86 -30.06 1.38 9.04
C SER A 86 -28.65 1.25 8.50
N VAL A 87 -27.96 0.17 8.88
CA VAL A 87 -26.58 -0.03 8.43
C VAL A 87 -26.49 -1.20 7.45
N VAL A 88 -26.03 -0.90 6.24
CA VAL A 88 -25.91 -1.90 5.20
C VAL A 88 -24.64 -2.74 5.36
N ASP A 89 -24.62 -3.88 4.66
CA ASP A 89 -23.48 -4.79 4.68
C ASP A 89 -22.23 -4.11 4.10
N PRO A 90 -21.15 -4.07 4.89
CA PRO A 90 -19.87 -3.52 4.41
C PRO A 90 -19.34 -4.26 3.19
N TYR A 91 -19.68 -5.54 3.05
CA TYR A 91 -19.32 -6.28 1.85
C TYR A 91 -20.45 -6.18 0.83
N ARG A 92 -20.07 -5.97 -0.43
CA ARG A 92 -21.05 -5.89 -1.51
C ARG A 92 -20.47 -6.46 -2.81
N ALA A 93 -21.36 -6.91 -3.69
CA ALA A 93 -20.94 -7.48 -4.96
C ALA A 93 -21.88 -7.10 -6.09
N GLU A 94 -22.35 -8.10 -6.82
CA GLU A 94 -23.13 -7.89 -8.04
C GLU A 94 -24.45 -7.16 -7.82
N ASP A 95 -24.93 -7.15 -6.58
CA ASP A 95 -26.22 -6.54 -6.29
C ASP A 95 -26.08 -5.18 -5.59
N GLY A 96 -24.84 -4.72 -5.43
CA GLY A 96 -24.59 -3.45 -4.78
C GLY A 96 -24.76 -3.55 -3.27
N TRP A 97 -25.02 -2.41 -2.63
CA TRP A 97 -25.25 -2.36 -1.19
C TRP A 97 -26.38 -3.31 -0.79
N GLN A 98 -26.09 -4.21 0.14
CA GLN A 98 -27.09 -5.18 0.58
C GLN A 98 -27.31 -5.13 2.09
N PHE A 99 -28.42 -5.70 2.54
CA PHE A 99 -28.74 -5.75 3.96
C PHE A 99 -28.49 -7.15 4.52
N THR A 100 -27.63 -7.22 5.54
CA THR A 100 -27.30 -8.49 6.19
C THR A 100 -27.36 -8.32 7.70
N PRO A 101 -28.57 -8.40 8.27
CA PRO A 101 -28.83 -8.05 9.67
C PRO A 101 -28.09 -8.93 10.68
N GLU A 102 -27.85 -10.19 10.34
CA GLU A 102 -27.16 -11.11 11.25
C GLU A 102 -25.70 -10.73 11.42
N LYS A 103 -25.14 -10.06 10.42
CA LYS A 103 -23.73 -9.66 10.44
C LYS A 103 -23.50 -8.56 11.47
N GLU A 104 -22.35 -8.63 12.15
CA GLU A 104 -22.02 -7.70 13.22
C GLU A 104 -21.95 -6.25 12.73
N GLY A 105 -22.72 -5.39 13.38
CA GLY A 105 -22.73 -3.97 13.05
C GLY A 105 -23.78 -3.60 12.03
N CYS A 106 -24.35 -4.60 11.38
CA CYS A 106 -25.34 -4.37 10.34
C CYS A 106 -26.76 -4.59 10.86
N THR A 107 -27.72 -3.95 10.21
CA THR A 107 -29.13 -4.13 10.56
C THR A 107 -29.95 -4.50 9.34
N HIS A 108 -31.27 -4.43 9.49
CA HIS A 108 -32.17 -4.67 8.37
C HIS A 108 -32.76 -3.35 7.89
N ASP A 109 -33.34 -3.36 6.69
CA ASP A 109 -34.03 -2.19 6.19
C ASP A 109 -35.29 -1.95 7.02
N HIS A 110 -35.22 -0.98 7.93
CA HIS A 110 -36.31 -0.72 8.87
C HIS A 110 -37.60 -0.27 8.18
N VAL A 111 -37.49 0.22 6.95
CA VAL A 111 -38.65 0.76 6.27
C VAL A 111 -39.44 -0.29 5.48
N HIS A 112 -38.79 -0.91 4.50
CA HIS A 112 -39.49 -1.86 3.63
C HIS A 112 -38.90 -3.27 3.67
N ASP A 113 -37.91 -3.47 4.53
CA ASP A 113 -37.27 -4.78 4.70
C ASP A 113 -36.77 -5.33 3.36
N VAL A 114 -36.00 -4.52 2.64
CA VAL A 114 -35.50 -4.92 1.34
C VAL A 114 -34.18 -5.68 1.46
N ASP A 115 -33.91 -6.54 0.48
CA ASP A 115 -32.65 -7.28 0.44
C ASP A 115 -31.49 -6.38 0.05
N TYR A 116 -31.75 -5.50 -0.92
CA TYR A 116 -30.69 -4.65 -1.46
C TYR A 116 -31.13 -3.18 -1.49
N LEU A 117 -30.14 -2.28 -1.48
CA LEU A 117 -30.41 -0.85 -1.47
C LEU A 117 -31.01 -0.38 -2.78
N ARG A 118 -30.74 -1.11 -3.85
CA ARG A 118 -31.22 -0.73 -5.18
C ARG A 118 -32.74 -0.83 -5.27
N GLU A 119 -33.34 -1.68 -4.43
CA GLU A 119 -34.79 -1.81 -4.38
C GLU A 119 -35.42 -0.51 -3.86
N LEU A 120 -34.74 0.13 -2.92
CA LEU A 120 -35.23 1.38 -2.32
C LEU A 120 -35.25 2.52 -3.34
N TYR A 121 -34.20 2.59 -4.15
CA TYR A 121 -34.13 3.59 -5.23
C TYR A 121 -35.27 3.40 -6.22
N VAL A 122 -35.46 2.17 -6.67
CA VAL A 122 -36.49 1.84 -7.65
C VAL A 122 -37.88 2.21 -7.15
N ARG A 123 -38.14 1.98 -5.86
CA ARG A 123 -39.42 2.37 -5.27
C ARG A 123 -39.60 3.89 -5.30
N ALA A 124 -38.51 4.61 -5.07
CA ALA A 124 -38.55 6.06 -5.04
C ALA A 124 -38.59 6.66 -6.44
N ALA A 125 -37.90 6.02 -7.38
CA ALA A 125 -37.87 6.49 -8.76
C ALA A 125 -37.76 5.31 -9.72
N PRO A 126 -38.92 4.76 -10.13
CA PRO A 126 -39.06 3.55 -10.96
C PRO A 126 -38.27 3.54 -12.27
N ASP A 127 -37.84 4.70 -12.74
CA ASP A 127 -37.14 4.78 -14.02
C ASP A 127 -35.78 5.46 -13.87
N VAL A 128 -35.25 5.48 -12.65
CA VAL A 128 -34.04 6.23 -12.35
C VAL A 128 -32.80 5.63 -13.02
N THR A 129 -31.90 6.52 -13.44
CA THR A 129 -30.60 6.12 -13.95
C THR A 129 -29.50 6.74 -13.08
N CYS A 130 -28.92 5.94 -12.19
CA CYS A 130 -27.99 6.46 -11.20
C CYS A 130 -27.09 5.38 -10.62
N ARG A 131 -26.26 5.78 -9.65
CA ARG A 131 -25.48 4.85 -8.86
C ARG A 131 -26.18 4.60 -7.53
N VAL A 132 -26.23 3.34 -7.11
CA VAL A 132 -26.81 3.01 -5.81
C VAL A 132 -25.75 3.17 -4.73
N THR A 133 -25.79 4.29 -4.02
CA THR A 133 -24.77 4.58 -3.02
CA THR A 133 -24.77 4.65 -3.05
C THR A 133 -25.36 5.06 -1.71
N VAL A 134 -24.47 5.27 -0.73
CA VAL A 134 -24.83 5.78 0.58
C VAL A 134 -24.12 7.12 0.77
N PRO A 135 -24.69 8.02 1.58
CA PRO A 135 -25.91 7.89 2.40
C PRO A 135 -27.19 8.18 1.62
N VAL A 136 -28.33 7.78 2.20
CA VAL A 136 -29.63 8.08 1.63
C VAL A 136 -30.59 8.52 2.74
N LEU A 137 -31.05 9.76 2.66
CA LEU A 137 -32.05 10.25 3.61
C LEU A 137 -33.44 9.91 3.08
N TRP A 138 -34.19 9.15 3.86
CA TRP A 138 -35.48 8.65 3.41
C TRP A 138 -36.64 9.23 4.21
N ASP A 139 -37.68 9.66 3.49
CA ASP A 139 -38.90 10.15 4.12
C ASP A 139 -39.94 9.04 4.20
N THR A 140 -40.45 8.78 5.40
CA THR A 140 -41.40 7.70 5.60
C THR A 140 -42.84 8.14 5.29
N GLU A 141 -43.06 9.44 5.15
CA GLU A 141 -44.40 9.95 4.87
C GLU A 141 -44.69 9.93 3.36
N GLU A 142 -43.80 10.50 2.57
CA GLU A 142 -43.96 10.49 1.12
C GLU A 142 -43.41 9.21 0.52
N ASP A 143 -42.73 8.42 1.34
CA ASP A 143 -42.16 7.14 0.94
C ASP A 143 -41.25 7.28 -0.27
N THR A 144 -40.19 8.08 -0.11
CA THR A 144 -39.25 8.34 -1.19
C THR A 144 -37.93 8.89 -0.68
N ILE A 145 -36.95 9.02 -1.57
CA ILE A 145 -35.65 9.56 -1.21
C ILE A 145 -35.66 11.08 -1.17
N VAL A 146 -35.39 11.65 0.00
CA VAL A 146 -35.29 13.10 0.12
C VAL A 146 -33.98 13.59 -0.48
N ASN A 147 -32.87 13.20 0.14
CA ASN A 147 -31.55 13.65 -0.30
C ASN A 147 -30.57 12.50 -0.42
N ASN A 148 -29.56 12.68 -1.28
CA ASN A 148 -28.63 11.62 -1.61
C ASN A 148 -27.18 12.12 -1.54
N GLU A 149 -27.00 13.31 -0.97
CA GLU A 149 -25.70 13.97 -0.94
C GLU A 149 -25.22 14.17 0.49
N SER A 150 -24.03 13.63 0.78
CA SER A 150 -23.45 13.71 2.11
C SER A 150 -23.32 15.14 2.62
N GLU A 151 -22.82 16.01 1.74
CA GLU A 151 -22.58 17.41 2.08
C GLU A 151 -23.85 18.14 2.52
N GLU A 152 -24.96 17.85 1.83
CA GLU A 152 -26.21 18.55 2.08
C GLU A 152 -27.02 17.92 3.22
N ILE A 153 -26.92 16.61 3.37
CA ILE A 153 -27.58 15.92 4.47
C ILE A 153 -26.93 16.34 5.79
N MET A 154 -25.61 16.46 5.78
CA MET A 154 -24.88 16.97 6.94
C MET A 154 -25.34 18.38 7.29
N ARG A 155 -25.48 19.22 6.27
CA ARG A 155 -25.88 20.60 6.45
C ARG A 155 -27.29 20.73 7.04
N MET A 156 -28.24 19.98 6.49
CA MET A 156 -29.62 20.08 6.96
C MET A 156 -29.80 19.42 8.32
N PHE A 157 -28.98 18.41 8.61
CA PHE A 157 -28.91 17.85 9.96
C PHE A 157 -28.47 18.93 10.94
N ASP A 158 -27.60 19.80 10.45
CA ASP A 158 -26.95 20.80 11.27
C ASP A 158 -27.81 22.02 11.53
N THR A 159 -28.54 22.49 10.53
CA THR A 159 -29.20 23.78 10.61
C THR A 159 -30.72 23.75 10.62
N GLU A 160 -31.31 22.56 10.47
CA GLU A 160 -32.76 22.48 10.28
C GLU A 160 -33.50 21.66 11.34
N PHE A 161 -32.77 20.88 12.12
CA PHE A 161 -33.40 20.01 13.12
C PHE A 161 -33.16 20.49 14.56
N ASP A 162 -33.14 21.80 14.76
CA ASP A 162 -32.83 22.38 16.07
C ASP A 162 -33.90 22.06 17.13
N GLU A 163 -35.12 21.80 16.68
CA GLU A 163 -36.23 21.55 17.59
C GLU A 163 -36.12 20.18 18.26
N PHE A 164 -35.40 19.27 17.62
CA PHE A 164 -35.37 17.88 18.07
C PHE A 164 -33.98 17.42 18.48
N ALA A 165 -32.99 18.28 18.30
CA ALA A 165 -31.62 17.97 18.71
C ALA A 165 -31.49 18.01 20.23
N ASP A 166 -30.67 17.13 20.78
CA ASP A 166 -30.49 17.06 22.23
C ASP A 166 -29.33 17.94 22.70
N HIS A 167 -28.44 18.28 21.77
CA HIS A 167 -27.26 19.08 22.12
C HIS A 167 -27.28 20.45 21.44
N THR A 168 -26.90 21.48 22.19
CA THR A 168 -26.80 22.82 21.63
C THR A 168 -25.44 22.99 20.97
N VAL A 169 -25.22 22.25 19.90
CA VAL A 169 -23.98 22.33 19.14
C VAL A 169 -24.25 23.00 17.81
N ASP A 170 -23.36 23.88 17.38
CA ASP A 170 -23.55 24.62 16.14
C ASP A 170 -22.33 24.47 15.23
N LEU A 171 -22.38 23.47 14.35
CA LEU A 171 -21.26 23.14 13.47
C LEU A 171 -21.25 23.98 12.21
N TYR A 172 -22.04 25.06 12.21
CA TYR A 172 -22.06 26.01 11.11
C TYR A 172 -22.39 27.39 11.67
N PRO A 173 -21.53 27.90 12.58
CA PRO A 173 -21.86 29.07 13.40
C PRO A 173 -21.72 30.41 12.68
N GLU A 174 -22.39 31.41 13.21
CA GLU A 174 -22.36 32.76 12.65
C GLU A 174 -20.96 33.34 12.70
N GLY A 175 -20.52 33.90 11.56
CA GLY A 175 -19.21 34.50 11.47
C GLY A 175 -18.15 33.55 10.92
N TYR A 176 -18.50 32.27 10.85
CA TYR A 176 -17.57 31.25 10.37
C TYR A 176 -18.06 30.62 9.07
N GLN A 177 -19.35 30.76 8.80
CA GLN A 177 -20.02 30.06 7.70
C GLN A 177 -19.31 30.19 6.35
N GLU A 178 -18.93 31.41 6.00
CA GLU A 178 -18.30 31.69 4.71
C GLU A 178 -16.99 30.94 4.55
N LYS A 179 -16.22 30.86 5.65
CA LYS A 179 -14.95 30.14 5.65
C LYS A 179 -15.19 28.63 5.68
N VAL A 180 -16.20 28.21 6.44
CA VAL A 180 -16.57 26.80 6.51
C VAL A 180 -16.97 26.29 5.14
N ASP A 181 -17.79 27.07 4.44
CA ASP A 181 -18.21 26.73 3.08
C ASP A 181 -17.01 26.73 2.13
N GLN A 182 -16.01 27.54 2.44
CA GLN A 182 -14.82 27.63 1.61
C GLN A 182 -13.93 26.39 1.77
N ILE A 183 -13.68 26.02 3.01
CA ILE A 183 -12.80 24.89 3.31
C ILE A 183 -13.36 23.59 2.76
N ILE A 184 -14.68 23.39 2.93
CA ILE A 184 -15.36 22.21 2.41
C ILE A 184 -15.18 22.10 0.90
N ASP A 185 -15.31 23.22 0.21
CA ASP A 185 -15.18 23.24 -1.24
C ASP A 185 -13.74 22.97 -1.68
N ASN A 186 -12.77 23.50 -0.93
CA ASN A 186 -11.37 23.36 -1.29
C ASN A 186 -10.88 21.92 -1.15
N ILE A 187 -10.98 21.37 0.06
CA ILE A 187 -10.47 20.03 0.34
C ILE A 187 -11.22 18.92 -0.42
N TYR A 188 -12.30 19.31 -1.09
CA TYR A 188 -13.17 18.34 -1.74
C TYR A 188 -12.49 17.52 -2.83
N GLU A 189 -11.78 18.20 -3.73
CA GLU A 189 -11.14 17.51 -4.85
C GLU A 189 -9.79 16.88 -4.52
N PRO A 190 -8.86 17.65 -3.91
CA PRO A 190 -7.54 17.03 -3.69
C PRO A 190 -7.50 16.00 -2.56
N ILE A 191 -8.42 16.10 -1.61
CA ILE A 191 -8.37 15.22 -0.44
C ILE A 191 -9.53 14.22 -0.38
N ASN A 192 -10.76 14.71 -0.38
CA ASN A 192 -11.93 13.84 -0.29
C ASN A 192 -12.06 12.90 -1.50
N ASN A 193 -11.98 13.46 -2.69
CA ASN A 193 -12.06 12.67 -3.91
C ASN A 193 -10.69 12.23 -4.41
N GLY A 194 -9.66 12.93 -3.95
CA GLY A 194 -8.29 12.69 -4.42
C GLY A 194 -7.78 11.28 -4.19
N VAL A 195 -8.10 10.72 -3.03
CA VAL A 195 -7.64 9.38 -2.67
C VAL A 195 -8.24 8.31 -3.58
N TYR A 196 -9.50 8.50 -3.97
CA TYR A 196 -10.18 7.56 -4.85
C TYR A 196 -9.72 7.72 -6.30
N ARG A 197 -9.36 8.95 -6.66
CA ARG A 197 -8.81 9.22 -7.98
C ARG A 197 -7.45 8.54 -8.13
N ALA A 198 -6.69 8.54 -7.05
CA ALA A 198 -5.39 7.89 -7.02
C ALA A 198 -5.55 6.37 -6.98
N GLY A 199 -6.54 5.91 -6.23
CA GLY A 199 -6.76 4.49 -6.03
C GLY A 199 -7.29 3.75 -7.26
N PHE A 200 -8.28 4.35 -7.92
CA PHE A 200 -8.86 3.73 -9.10
C PHE A 200 -8.20 4.23 -10.38
N ALA A 201 -7.05 4.88 -10.22
CA ALA A 201 -6.29 5.38 -11.36
C ALA A 201 -5.89 4.24 -12.28
N THR A 202 -6.07 4.43 -13.58
CA THR A 202 -5.79 3.39 -14.55
C THR A 202 -4.56 3.72 -15.39
N GLU A 203 -4.14 4.99 -15.34
CA GLU A 203 -2.94 5.42 -16.04
C GLU A 203 -1.99 6.12 -15.06
N GLN A 204 -0.73 6.23 -15.44
CA GLN A 204 0.29 6.76 -14.53
C GLN A 204 0.13 8.26 -14.25
N GLU A 205 -0.02 9.04 -15.32
CA GLU A 205 -0.13 10.49 -15.19
C GLU A 205 -1.31 10.96 -14.32
N PRO A 206 -2.51 10.36 -14.48
CA PRO A 206 -3.59 10.75 -13.55
C PRO A 206 -3.26 10.42 -12.09
N TYR A 207 -2.66 9.27 -11.84
CA TYR A 207 -2.25 8.89 -10.49
C TYR A 207 -1.26 9.89 -9.91
N ASP A 208 -0.27 10.27 -10.72
CA ASP A 208 0.78 11.18 -10.30
C ASP A 208 0.20 12.51 -9.83
N GLU A 209 -0.74 13.06 -10.59
CA GLU A 209 -1.38 14.32 -10.24
C GLU A 209 -2.23 14.17 -8.97
N ALA A 210 -2.97 13.07 -8.90
CA ALA A 210 -3.86 12.81 -7.77
C ALA A 210 -3.07 12.71 -6.46
N VAL A 211 -1.88 12.13 -6.54
CA VAL A 211 -1.03 11.97 -5.37
C VAL A 211 -0.32 13.28 -5.03
N ALA A 212 0.18 13.96 -6.05
CA ALA A 212 0.89 15.23 -5.87
C ALA A 212 -0.03 16.28 -5.25
N GLU A 213 -1.24 16.41 -5.78
CA GLU A 213 -2.21 17.37 -5.29
C GLU A 213 -2.67 17.03 -3.88
N LEU A 214 -2.81 15.73 -3.60
CA LEU A 214 -3.30 15.25 -2.32
C LEU A 214 -2.37 15.63 -1.16
N PHE A 215 -1.12 15.17 -1.24
CA PHE A 215 -0.15 15.43 -0.17
C PHE A 215 0.29 16.88 -0.14
N GLY A 216 0.09 17.58 -1.25
CA GLY A 216 0.30 19.01 -1.29
C GLY A 216 -0.76 19.71 -0.47
N ALA A 217 -2.00 19.26 -0.64
CA ALA A 217 -3.13 19.80 0.12
C ALA A 217 -3.01 19.48 1.60
N LEU A 218 -2.56 18.26 1.91
CA LEU A 218 -2.39 17.82 3.28
C LEU A 218 -1.31 18.63 3.99
N ALA A 219 -0.25 18.97 3.27
CA ALA A 219 0.84 19.74 3.82
C ALA A 219 0.41 21.17 4.12
N HIS A 220 -0.48 21.70 3.28
CA HIS A 220 -0.99 23.05 3.45
C HIS A 220 -1.79 23.18 4.74
N TRP A 221 -2.78 22.30 4.91
CA TRP A 221 -3.64 22.33 6.09
C TRP A 221 -2.90 21.92 7.34
N ASP A 222 -1.76 21.25 7.17
CA ASP A 222 -0.93 20.87 8.31
C ASP A 222 -0.26 22.10 8.90
N ASP A 223 0.16 23.02 8.03
CA ASP A 223 0.76 24.27 8.48
C ASP A 223 -0.30 25.21 9.06
N VAL A 224 -1.50 25.14 8.50
CA VAL A 224 -2.61 25.96 8.96
C VAL A 224 -3.04 25.55 10.37
N LEU A 225 -3.03 24.24 10.62
CA LEU A 225 -3.49 23.70 11.89
C LEU A 225 -2.40 23.73 12.97
N ALA A 226 -1.35 24.50 12.72
CA ALA A 226 -0.26 24.63 13.68
C ALA A 226 -0.54 25.74 14.69
N ASP A 227 -1.38 26.69 14.31
CA ASP A 227 -1.65 27.85 15.15
C ASP A 227 -3.14 28.04 15.44
N GLN A 228 -3.96 27.13 14.90
CA GLN A 228 -5.39 27.14 15.20
C GLN A 228 -5.89 25.71 15.38
N ARG A 229 -6.75 25.50 16.38
CA ARG A 229 -7.16 24.16 16.77
C ARG A 229 -7.93 23.43 15.67
N TYR A 230 -8.87 24.13 15.05
CA TYR A 230 -9.69 23.52 14.01
C TYR A 230 -9.47 24.20 12.65
N LEU A 231 -10.09 23.64 11.61
CA LEU A 231 -9.88 24.13 10.25
C LEU A 231 -10.36 25.58 10.08
N ALA A 232 -11.56 25.88 10.57
CA ALA A 232 -12.07 27.24 10.55
C ALA A 232 -11.53 28.01 11.74
N GLY A 233 -10.67 27.36 12.53
CA GLY A 233 -9.98 28.02 13.62
C GLY A 233 -10.49 27.69 15.00
N ASP A 234 -11.27 28.62 15.55
CA ASP A 234 -11.66 28.58 16.95
C ASP A 234 -12.68 27.48 17.28
N ARG A 235 -13.52 27.13 16.30
CA ARG A 235 -14.66 26.26 16.58
C ARG A 235 -14.75 25.02 15.69
N LEU A 236 -15.34 23.96 16.23
CA LEU A 236 -15.60 22.74 15.48
C LEU A 236 -16.74 22.95 14.50
N THR A 237 -16.50 22.66 13.22
CA THR A 237 -17.50 22.88 12.19
C THR A 237 -17.64 21.69 11.25
N GLU A 238 -18.52 21.83 10.25
CA GLU A 238 -18.72 20.80 9.24
C GLU A 238 -17.44 20.56 8.44
N ALA A 239 -16.62 21.60 8.33
CA ALA A 239 -15.36 21.51 7.61
C ALA A 239 -14.45 20.45 8.20
N ASP A 240 -14.50 20.30 9.52
CA ASP A 240 -13.70 19.30 10.21
C ASP A 240 -14.25 17.91 9.99
N ILE A 241 -15.56 17.79 9.88
CA ILE A 241 -16.21 16.50 9.67
C ILE A 241 -15.86 15.93 8.30
N ALA A 242 -15.82 16.80 7.30
CA ALA A 242 -15.46 16.40 5.95
C ALA A 242 -14.02 15.88 5.91
N MET A 243 -13.12 16.61 6.57
CA MET A 243 -11.72 16.23 6.63
C MET A 243 -11.50 14.95 7.44
N PHE A 244 -12.24 14.83 8.54
CA PHE A 244 -12.07 13.72 9.48
C PHE A 244 -12.35 12.35 8.86
N THR A 245 -13.42 12.25 8.09
CA THR A 245 -13.84 10.97 7.53
C THR A 245 -12.86 10.45 6.49
N THR A 246 -12.03 11.34 5.95
CA THR A 246 -10.98 10.94 5.03
C THR A 246 -9.74 10.53 5.80
N LEU A 247 -9.30 11.40 6.71
CA LEU A 247 -8.11 11.17 7.52
C LEU A 247 -8.19 9.89 8.33
N VAL A 248 -9.38 9.60 8.87
CA VAL A 248 -9.57 8.44 9.74
C VAL A 248 -9.39 7.14 8.98
N ARG A 249 -9.48 7.20 7.66
CA ARG A 249 -9.35 6.01 6.81
C ARG A 249 -8.04 5.97 6.03
N PHE A 250 -7.20 6.98 6.24
CA PHE A 250 -6.01 7.16 5.42
C PHE A 250 -4.93 6.11 5.69
N ASP A 251 -4.54 5.95 6.94
CA ASP A 251 -3.39 5.12 7.28
C ASP A 251 -3.71 3.62 7.31
N ASN A 252 -5.00 3.28 7.39
CA ASN A 252 -5.40 1.88 7.38
C ASN A 252 -5.81 1.39 6.00
N VAL A 253 -6.21 2.32 5.14
CA VAL A 253 -6.72 1.96 3.82
C VAL A 253 -6.08 2.74 2.68
N TYR A 254 -6.30 4.05 2.65
CA TYR A 254 -5.90 4.90 1.53
C TYR A 254 -4.40 4.82 1.23
N HIS A 255 -3.60 4.76 2.29
CA HIS A 255 -2.14 4.75 2.17
C HIS A 255 -1.63 3.51 1.43
N THR A 256 -2.21 2.36 1.72
CA THR A 256 -1.75 1.09 1.15
C THR A 256 -2.63 0.62 0.01
N HIS A 257 -3.92 0.46 0.28
CA HIS A 257 -4.87 -0.06 -0.69
C HIS A 257 -4.99 0.84 -1.92
N PHE A 258 -5.02 2.15 -1.69
CA PHE A 258 -5.12 3.11 -2.78
C PHE A 258 -3.75 3.68 -3.16
N MET A 259 -2.70 3.14 -2.54
CA MET A 259 -1.32 3.50 -2.85
C MET A 259 -1.01 4.98 -2.71
N CYS A 260 -1.65 5.64 -1.75
CA CYS A 260 -1.30 7.00 -1.39
C CYS A 260 -0.22 6.98 -0.32
N ASN A 261 0.98 6.54 -0.71
CA ASN A 261 2.01 6.18 0.24
C ASN A 261 3.20 7.13 0.34
N VAL A 262 2.95 8.43 0.25
CA VAL A 262 4.03 9.40 0.44
C VAL A 262 4.37 9.54 1.91
N GLN A 263 3.33 9.65 2.75
CA GLN A 263 3.52 9.81 4.17
C GLN A 263 2.30 9.39 4.97
N TYR A 264 2.53 8.79 6.14
CA TYR A 264 1.46 8.51 7.08
C TYR A 264 0.83 9.83 7.55
N ILE A 265 -0.47 9.79 7.84
CA ILE A 265 -1.12 10.93 8.47
C ILE A 265 -0.53 11.12 9.86
N ARG A 266 -0.19 10.00 10.51
CA ARG A 266 0.37 10.03 11.85
C ARG A 266 1.78 10.60 11.89
N GLU A 267 2.39 10.78 10.72
CA GLU A 267 3.72 11.35 10.63
C GLU A 267 3.68 12.87 10.53
N PHE A 268 2.51 13.42 10.22
CA PHE A 268 2.32 14.87 10.21
C PHE A 268 2.35 15.45 11.61
N ASP A 269 3.02 16.58 11.76
CA ASP A 269 3.19 17.22 13.06
C ASP A 269 1.87 17.65 13.69
N ASN A 270 0.93 18.10 12.86
CA ASN A 270 -0.27 18.73 13.36
C ASN A 270 -1.58 18.02 12.99
N LEU A 271 -1.57 17.30 11.87
CA LEU A 271 -2.77 16.62 11.42
C LEU A 271 -3.11 15.40 12.29
N TRP A 272 -2.08 14.72 12.77
CA TRP A 272 -2.25 13.54 13.61
C TRP A 272 -2.80 13.86 15.00
N PRO A 273 -2.27 14.91 15.68
CA PRO A 273 -2.94 15.27 16.94
C PRO A 273 -4.34 15.83 16.69
N TYR A 274 -4.52 16.46 15.53
CA TYR A 274 -5.81 16.97 15.11
C TYR A 274 -6.82 15.85 14.95
N LEU A 275 -6.38 14.76 14.33
CA LEU A 275 -7.22 13.58 14.13
C LEU A 275 -7.56 12.92 15.47
N ARG A 276 -6.58 12.89 16.37
CA ARG A 276 -6.80 12.37 17.71
C ARG A 276 -7.74 13.27 18.49
N ASP A 277 -7.66 14.57 18.24
CA ASP A 277 -8.52 15.55 18.91
C ASP A 277 -9.97 15.39 18.47
N LEU A 278 -10.16 15.00 17.21
CA LEU A 278 -11.50 14.80 16.67
C LEU A 278 -12.09 13.45 17.10
N TYR A 279 -11.27 12.42 17.04
CA TYR A 279 -11.68 11.06 17.41
C TYR A 279 -12.17 11.01 18.86
N GLN A 280 -11.55 11.82 19.71
CA GLN A 280 -11.86 11.79 21.14
C GLN A 280 -12.96 12.77 21.52
N THR A 281 -13.45 13.53 20.55
CA THR A 281 -14.63 14.35 20.78
C THR A 281 -15.80 13.42 21.10
N HIS A 282 -16.44 13.66 22.23
CA HIS A 282 -17.41 12.72 22.79
C HIS A 282 -18.53 12.34 21.81
N GLY A 283 -18.66 11.03 21.55
CA GLY A 283 -19.69 10.53 20.68
C GLY A 283 -19.17 10.08 19.33
N ILE A 284 -18.12 10.73 18.85
CA ILE A 284 -17.57 10.47 17.53
C ILE A 284 -16.95 9.07 17.43
N ALA A 285 -16.29 8.64 18.50
CA ALA A 285 -15.58 7.35 18.52
C ALA A 285 -16.49 6.17 18.20
N GLU A 286 -17.75 6.24 18.65
CA GLU A 286 -18.70 5.15 18.43
C GLU A 286 -19.24 5.12 17.00
N THR A 287 -18.90 6.14 16.22
CA THR A 287 -19.33 6.20 14.83
C THR A 287 -18.24 5.68 13.91
N VAL A 288 -17.13 5.25 14.50
CA VAL A 288 -16.02 4.71 13.73
C VAL A 288 -15.95 3.19 13.86
N GLU A 289 -16.30 2.50 12.78
CA GLU A 289 -16.23 1.05 12.73
C GLU A 289 -15.13 0.60 11.77
N MET A 290 -13.92 0.50 12.28
CA MET A 290 -12.76 0.17 11.46
C MET A 290 -12.88 -1.22 10.82
N ASP A 291 -13.52 -2.14 11.53
CA ASP A 291 -13.74 -3.49 11.02
C ASP A 291 -14.57 -3.45 9.74
N HIS A 292 -15.54 -2.54 9.70
CA HIS A 292 -16.33 -2.33 8.50
C HIS A 292 -15.50 -1.68 7.39
N ILE A 293 -14.64 -0.75 7.79
CA ILE A 293 -13.83 0.01 6.84
C ILE A 293 -12.81 -0.88 6.13
N THR A 294 -12.05 -1.65 6.91
CA THR A 294 -11.01 -2.51 6.34
C THR A 294 -11.60 -3.64 5.52
N GLU A 295 -12.73 -4.18 5.95
CA GLU A 295 -13.36 -5.29 5.25
C GLU A 295 -13.89 -4.85 3.89
N HIS A 296 -14.47 -3.67 3.83
CA HIS A 296 -15.03 -3.16 2.59
C HIS A 296 -13.94 -2.89 1.55
N TYR A 297 -13.00 -2.01 1.86
CA TYR A 297 -12.03 -1.56 0.89
C TYR A 297 -11.09 -2.66 0.39
N TYR A 298 -10.82 -3.65 1.24
CA TYR A 298 -9.85 -4.69 0.88
C TYR A 298 -10.47 -5.91 0.21
N THR A 299 -11.79 -6.10 0.34
CA THR A 299 -12.43 -7.29 -0.22
C THR A 299 -13.53 -6.98 -1.24
N THR A 300 -13.86 -5.71 -1.43
CA THR A 300 -14.95 -5.33 -2.34
C THR A 300 -14.38 -4.82 -3.66
N HIS A 301 -13.08 -4.54 -3.69
CA HIS A 301 -12.41 -4.06 -4.89
C HIS A 301 -11.51 -5.12 -5.52
N PRO A 302 -12.06 -5.91 -6.46
CA PRO A 302 -11.30 -7.00 -7.10
C PRO A 302 -10.16 -6.50 -7.99
N ASP A 303 -10.39 -5.41 -8.72
CA ASP A 303 -9.39 -4.92 -9.68
C ASP A 303 -8.31 -4.07 -9.01
N VAL A 304 -8.44 -3.86 -7.70
CA VAL A 304 -7.44 -3.12 -6.94
C VAL A 304 -6.68 -4.08 -6.03
N ASN A 305 -7.40 -5.10 -5.54
CA ASN A 305 -6.82 -6.09 -4.65
C ASN A 305 -7.47 -7.46 -4.87
N PRO A 306 -7.04 -8.17 -5.92
CA PRO A 306 -7.63 -9.41 -6.42
C PRO A 306 -7.88 -10.49 -5.37
N HIS A 307 -6.92 -10.73 -4.49
CA HIS A 307 -7.03 -11.82 -3.52
C HIS A 307 -7.77 -11.40 -2.26
N ARG A 308 -8.31 -10.18 -2.29
CA ARG A 308 -9.20 -9.68 -1.23
C ARG A 308 -8.64 -9.86 0.18
N ILE A 309 -7.32 -9.72 0.32
CA ILE A 309 -6.67 -9.86 1.60
C ILE A 309 -6.75 -8.56 2.41
N VAL A 310 -7.33 -8.64 3.60
CA VAL A 310 -7.40 -7.48 4.48
C VAL A 310 -6.04 -7.21 5.11
N ALA A 311 -5.40 -6.12 4.70
CA ALA A 311 -4.10 -5.75 5.25
C ALA A 311 -4.23 -5.40 6.73
N ARG A 312 -3.16 -5.63 7.47
CA ARG A 312 -3.16 -5.44 8.91
C ARG A 312 -3.20 -3.95 9.28
N GLY A 313 -2.27 -3.19 8.72
CA GLY A 313 -2.20 -1.76 9.00
C GLY A 313 -1.48 -1.45 10.30
N PRO A 314 -1.25 -0.15 10.56
CA PRO A 314 -0.51 0.31 11.74
C PRO A 314 -1.30 0.11 13.04
N ASP A 315 -0.59 0.09 14.16
CA ASP A 315 -1.23 0.07 15.47
C ASP A 315 -1.48 1.50 15.93
N LEU A 316 -2.61 2.06 15.52
CA LEU A 316 -2.89 3.47 15.74
C LEU A 316 -3.55 3.72 17.09
N ASP A 317 -2.87 4.49 17.94
CA ASP A 317 -3.42 4.86 19.24
C ASP A 317 -4.20 6.16 19.12
N PHE A 318 -5.45 6.06 18.67
CA PHE A 318 -6.32 7.21 18.54
C PHE A 318 -6.57 7.85 19.91
N GLU A 319 -6.52 7.03 20.95
CA GLU A 319 -6.81 7.49 22.31
C GLU A 319 -5.58 8.09 22.98
N ALA A 320 -4.51 8.27 22.21
CA ALA A 320 -3.30 8.91 22.74
C ALA A 320 -3.52 10.39 22.98
N PRO A 321 -3.05 10.91 24.12
CA PRO A 321 -3.24 12.29 24.54
C PRO A 321 -2.72 13.32 23.54
N HIS A 322 -3.38 14.47 23.47
CA HIS A 322 -2.93 15.59 22.67
C HIS A 322 -2.79 16.82 23.55
N SER A 323 -2.46 17.96 22.95
CA SER A 323 -2.32 19.21 23.68
C SER A 323 -2.90 20.37 22.89
N ARG A 324 -3.85 20.07 22.02
CA ARG A 324 -4.43 21.07 21.14
C ARG A 324 -5.59 21.81 21.80
N ASP A 325 -5.85 21.49 23.08
CA ASP A 325 -6.80 22.26 23.87
C ASP A 325 -6.16 23.58 24.29
N GLU A 326 -4.84 23.67 24.08
CA GLU A 326 -4.09 24.89 24.35
C GLU A 326 -4.15 25.84 23.16
N LEU A 327 -5.26 25.81 22.43
CA LEU A 327 -5.44 26.66 21.26
C LEU A 327 -6.81 27.34 21.29
N HIS B 2 11.26 -20.34 -1.23
CA HIS B 2 11.05 -19.07 -1.90
C HIS B 2 9.60 -18.89 -2.32
N HIS B 3 9.11 -17.65 -2.25
CA HIS B 3 7.75 -17.32 -2.69
C HIS B 3 7.79 -16.47 -3.95
N HIS B 4 7.27 -16.99 -5.04
CA HIS B 4 7.29 -16.29 -6.32
C HIS B 4 5.89 -15.80 -6.71
N HIS B 5 5.82 -14.81 -7.59
CA HIS B 5 4.55 -14.20 -7.96
C HIS B 5 3.65 -15.15 -8.73
N HIS B 6 2.35 -14.84 -8.76
CA HIS B 6 1.34 -15.74 -9.28
C HIS B 6 1.50 -16.05 -10.78
N HIS B 7 2.18 -15.17 -11.50
CA HIS B 7 2.38 -15.36 -12.93
C HIS B 7 3.76 -15.92 -13.25
N MET B 8 4.50 -16.32 -12.21
CA MET B 8 5.84 -16.86 -12.39
C MET B 8 5.81 -18.15 -13.21
N ASN B 9 6.51 -18.13 -14.34
CA ASN B 9 6.58 -19.29 -15.22
C ASN B 9 7.76 -20.17 -14.87
N MET B 10 7.89 -21.31 -15.53
CA MET B 10 8.90 -22.29 -15.15
C MET B 10 9.48 -23.03 -16.35
N LEU B 11 10.68 -23.58 -16.15
CA LEU B 11 11.31 -24.44 -17.13
C LEU B 11 11.06 -25.89 -16.75
N VAL B 12 10.40 -26.65 -17.63
CA VAL B 12 10.04 -28.02 -17.31
C VAL B 12 10.56 -29.01 -18.35
N ASP B 13 11.51 -29.85 -17.93
CA ASP B 13 12.17 -30.81 -18.82
C ASP B 13 12.76 -30.13 -20.06
N GLY B 14 13.23 -28.90 -19.87
CA GLY B 14 13.82 -28.15 -20.97
C GLY B 14 12.83 -27.24 -21.67
N GLU B 15 11.54 -27.53 -21.50
CA GLU B 15 10.49 -26.75 -22.17
C GLU B 15 10.08 -25.53 -21.34
N TRP B 16 9.70 -24.47 -22.03
CA TRP B 16 9.20 -23.26 -21.38
C TRP B 16 7.67 -23.26 -21.33
N ARG B 17 7.12 -23.25 -20.11
CA ARG B 17 5.68 -23.31 -19.95
C ARG B 17 5.13 -22.33 -18.92
N THR B 18 3.95 -21.79 -19.22
CA THR B 18 3.28 -20.81 -18.37
C THR B 18 2.67 -21.43 -17.12
N ASP B 19 2.20 -22.66 -17.25
CA ASP B 19 1.46 -23.33 -16.18
C ASP B 19 1.91 -24.76 -15.94
N ALA B 20 1.68 -25.25 -14.73
CA ALA B 20 2.05 -26.62 -14.37
C ALA B 20 0.86 -27.56 -14.48
N PHE B 30 7.09 -25.76 -9.51
CA PHE B 30 7.12 -25.98 -8.07
C PHE B 30 8.56 -26.17 -7.59
N GLU B 31 8.89 -25.54 -6.48
CA GLU B 31 10.26 -25.53 -5.96
C GLU B 31 10.76 -26.91 -5.57
N ARG B 32 9.89 -27.71 -4.94
CA ARG B 32 10.28 -29.03 -4.47
C ARG B 32 10.28 -30.05 -5.61
N GLN B 33 10.01 -29.59 -6.82
CA GLN B 33 10.12 -30.39 -8.02
C GLN B 33 11.22 -29.83 -8.91
N ALA B 34 11.96 -28.86 -8.38
CA ALA B 34 12.88 -28.08 -9.19
C ALA B 34 14.36 -28.39 -8.92
N THR B 35 15.18 -28.17 -9.94
CA THR B 35 16.63 -28.35 -9.84
C THR B 35 17.31 -27.01 -9.60
N THR B 36 18.42 -27.02 -8.88
CA THR B 36 19.20 -25.81 -8.67
C THR B 36 20.67 -26.04 -9.01
N PHE B 37 21.46 -24.97 -8.97
CA PHE B 37 22.89 -25.05 -9.27
C PHE B 37 23.69 -24.65 -8.05
N ARG B 38 24.47 -25.59 -7.52
CA ARG B 38 25.10 -25.40 -6.21
C ARG B 38 26.61 -25.63 -6.21
N ASN B 39 27.24 -25.57 -7.38
CA ASN B 39 28.69 -25.67 -7.44
C ASN B 39 29.34 -24.44 -6.81
N TRP B 40 30.60 -24.57 -6.43
CA TRP B 40 31.33 -23.48 -5.79
C TRP B 40 32.60 -23.11 -6.52
N VAL B 41 33.06 -21.89 -6.31
CA VAL B 41 34.42 -21.51 -6.66
C VAL B 41 35.28 -21.68 -5.42
N GLN B 42 36.33 -22.49 -5.53
CA GLN B 42 37.18 -22.76 -4.37
C GLN B 42 38.63 -22.40 -4.65
N ASP B 43 39.23 -21.62 -3.75
CA ASP B 43 40.63 -21.23 -3.89
C ASP B 43 41.55 -22.37 -3.45
N ASP B 44 41.37 -23.53 -4.08
CA ASP B 44 42.18 -24.69 -3.79
C ASP B 44 42.60 -25.38 -5.10
N SER B 45 43.76 -26.01 -5.08
CA SER B 45 44.41 -26.51 -6.30
C SER B 45 43.62 -27.57 -7.06
N ASP B 46 42.75 -28.29 -6.36
CA ASP B 46 42.05 -29.43 -6.96
C ASP B 46 40.69 -29.08 -7.55
N ALA B 47 40.05 -28.04 -7.01
CA ALA B 47 38.65 -27.73 -7.30
C ALA B 47 38.33 -27.59 -8.79
N ARG B 48 37.09 -27.96 -9.13
CA ARG B 48 36.57 -27.86 -10.49
C ARG B 48 36.61 -26.41 -10.98
N PHE B 49 36.03 -25.51 -10.19
CA PHE B 49 36.05 -24.09 -10.52
C PHE B 49 37.01 -23.34 -9.59
N GLN B 50 38.11 -22.86 -10.14
CA GLN B 50 39.10 -22.11 -9.38
C GLN B 50 38.98 -20.61 -9.67
N PRO B 51 39.32 -19.77 -8.69
CA PRO B 51 39.24 -18.31 -8.86
C PRO B 51 40.20 -17.79 -9.93
N GLU B 52 39.66 -17.05 -10.89
CA GLU B 52 40.47 -16.42 -11.93
C GLU B 52 40.04 -14.98 -12.15
N ALA B 53 40.86 -14.20 -12.86
CA ALA B 53 40.71 -12.75 -12.91
C ALA B 53 39.79 -12.25 -14.02
N GLY B 54 39.36 -13.13 -14.92
CA GLY B 54 38.50 -12.71 -16.01
C GLY B 54 37.74 -13.88 -16.60
N ARG B 55 37.15 -14.68 -15.71
CA ARG B 55 36.55 -15.95 -16.12
C ARG B 55 35.04 -16.00 -15.85
N TYR B 56 34.63 -15.48 -14.70
CA TYR B 56 33.25 -15.65 -14.25
C TYR B 56 32.36 -14.43 -14.54
N HIS B 57 31.13 -14.71 -14.93
CA HIS B 57 30.17 -13.68 -15.31
C HIS B 57 28.96 -13.69 -14.38
N LEU B 58 28.57 -12.50 -13.91
CA LEU B 58 27.46 -12.40 -12.98
C LEU B 58 26.20 -11.85 -13.65
N TYR B 59 25.11 -12.60 -13.57
CA TYR B 59 23.83 -12.14 -14.08
C TYR B 59 22.96 -11.65 -12.94
N VAL B 60 22.58 -10.37 -12.99
CA VAL B 60 21.78 -9.78 -11.92
C VAL B 60 20.62 -8.95 -12.44
N SER B 61 19.69 -8.65 -11.54
CA SER B 61 18.68 -7.63 -11.77
C SER B 61 18.79 -6.62 -10.63
N TYR B 62 18.78 -5.34 -10.97
CA TYR B 62 18.86 -4.29 -9.96
C TYR B 62 17.65 -4.30 -9.04
N ALA B 63 16.56 -4.88 -9.53
CA ALA B 63 15.31 -4.94 -8.77
C ALA B 63 15.34 -6.01 -7.69
N CYS B 64 15.78 -7.21 -8.08
CA CYS B 64 15.80 -8.34 -7.17
C CYS B 64 16.79 -8.16 -6.02
N PRO B 65 16.32 -8.35 -4.78
CA PRO B 65 17.16 -8.19 -3.58
C PRO B 65 18.17 -9.32 -3.42
N TRP B 66 17.83 -10.49 -3.93
CA TRP B 66 18.71 -11.65 -3.87
C TRP B 66 19.97 -11.38 -4.70
N ALA B 67 19.75 -10.94 -5.94
CA ALA B 67 20.85 -10.60 -6.83
C ALA B 67 21.59 -9.36 -6.33
N HIS B 68 20.89 -8.54 -5.57
CA HIS B 68 21.46 -7.30 -5.04
C HIS B 68 22.59 -7.60 -4.05
N ARG B 69 22.48 -8.74 -3.36
CA ARG B 69 23.51 -9.17 -2.43
C ARG B 69 24.86 -9.36 -3.13
N THR B 70 24.82 -10.00 -4.28
CA THR B 70 26.04 -10.31 -5.04
C THR B 70 26.71 -9.04 -5.55
N LEU B 71 25.90 -8.04 -5.91
CA LEU B 71 26.43 -6.78 -6.40
C LEU B 71 27.12 -6.00 -5.28
N VAL B 72 26.46 -5.91 -4.13
CA VAL B 72 27.00 -5.20 -2.98
C VAL B 72 28.35 -5.77 -2.57
N THR B 73 28.42 -7.09 -2.45
CA THR B 73 29.65 -7.78 -2.06
C THR B 73 30.75 -7.57 -3.10
N ARG B 74 30.38 -7.69 -4.37
CA ARG B 74 31.32 -7.50 -5.47
C ARG B 74 31.98 -6.13 -5.40
N THR B 75 31.18 -5.12 -5.10
CA THR B 75 31.66 -3.74 -5.00
C THR B 75 32.54 -3.55 -3.77
N LEU B 76 32.16 -4.19 -2.67
CA LEU B 76 32.89 -4.06 -1.41
C LEU B 76 34.30 -4.63 -1.52
N LYS B 77 34.42 -5.84 -2.05
CA LYS B 77 35.72 -6.50 -2.16
C LYS B 77 36.62 -5.83 -3.19
N GLY B 78 36.04 -5.39 -4.30
CA GLY B 78 36.80 -4.80 -5.38
C GLY B 78 37.00 -5.80 -6.51
N LEU B 79 35.91 -6.49 -6.87
CA LEU B 79 35.96 -7.53 -7.88
C LEU B 79 35.23 -7.10 -9.15
N GLU B 80 35.07 -5.80 -9.33
CA GLU B 80 34.37 -5.26 -10.50
C GLU B 80 35.20 -5.49 -11.76
N ASP B 81 36.52 -5.51 -11.61
CA ASP B 81 37.43 -5.72 -12.73
C ASP B 81 37.70 -7.20 -12.95
N ALA B 82 37.50 -7.99 -11.90
CA ALA B 82 37.73 -9.43 -11.98
C ALA B 82 36.51 -10.16 -12.53
N ILE B 83 35.35 -9.87 -11.94
CA ILE B 83 34.11 -10.53 -12.34
C ILE B 83 33.17 -9.57 -13.07
N SER B 84 32.86 -9.90 -14.32
CA SER B 84 31.99 -9.08 -15.14
C SER B 84 30.52 -9.24 -14.74
N VAL B 85 29.67 -8.36 -15.25
CA VAL B 85 28.27 -8.33 -14.83
C VAL B 85 27.34 -7.95 -15.99
N SER B 86 26.15 -8.57 -16.01
CA SER B 86 25.10 -8.20 -16.94
C SER B 86 23.82 -7.89 -16.20
N VAL B 87 23.09 -6.87 -16.66
CA VAL B 87 21.84 -6.46 -16.02
C VAL B 87 20.65 -6.73 -16.93
N VAL B 88 19.78 -7.65 -16.50
CA VAL B 88 18.58 -7.96 -17.27
C VAL B 88 17.55 -6.84 -17.15
N ASP B 89 16.51 -6.93 -17.97
CA ASP B 89 15.44 -5.94 -17.97
C ASP B 89 14.56 -6.11 -16.74
N PRO B 90 14.41 -5.04 -15.93
CA PRO B 90 13.51 -5.01 -14.78
C PRO B 90 12.10 -5.50 -15.13
N TYR B 91 11.60 -5.13 -16.30
CA TYR B 91 10.31 -5.63 -16.74
C TYR B 91 10.41 -7.06 -17.25
N ARG B 92 9.61 -7.93 -16.65
CA ARG B 92 9.57 -9.34 -17.01
C ARG B 92 8.15 -9.68 -17.47
N ALA B 93 7.99 -10.75 -18.23
CA ALA B 93 6.66 -11.15 -18.67
C ALA B 93 6.57 -12.63 -19.01
N GLU B 94 5.86 -12.90 -20.11
CA GLU B 94 5.62 -14.24 -20.62
C GLU B 94 6.87 -15.11 -20.75
N ASP B 95 8.02 -14.49 -20.95
CA ASP B 95 9.23 -15.20 -21.28
C ASP B 95 10.31 -15.13 -20.20
N GLY B 96 9.95 -14.66 -19.01
CA GLY B 96 10.89 -14.57 -17.91
C GLY B 96 11.83 -13.39 -18.05
N TRP B 97 12.89 -13.37 -17.25
CA TRP B 97 13.90 -12.31 -17.32
C TRP B 97 14.43 -12.18 -18.75
N GLN B 98 14.50 -10.94 -19.24
CA GLN B 98 14.91 -10.71 -20.63
C GLN B 98 16.00 -9.66 -20.72
N PHE B 99 16.70 -9.65 -21.84
CA PHE B 99 17.75 -8.66 -22.07
C PHE B 99 17.26 -7.54 -22.99
N THR B 100 17.30 -6.31 -22.49
CA THR B 100 16.88 -5.15 -23.24
C THR B 100 17.92 -4.04 -23.13
N PRO B 101 18.98 -4.13 -23.93
CA PRO B 101 20.15 -3.23 -23.88
C PRO B 101 19.82 -1.75 -24.07
N GLU B 102 18.77 -1.42 -24.81
CA GLU B 102 18.40 -0.03 -25.04
C GLU B 102 18.02 0.65 -23.73
N LYS B 103 17.39 -0.11 -22.85
CA LYS B 103 16.82 0.41 -21.62
C LYS B 103 17.88 0.92 -20.65
N GLU B 104 17.59 2.05 -20.01
CA GLU B 104 18.49 2.68 -19.05
C GLU B 104 18.86 1.74 -17.91
N GLY B 105 20.16 1.53 -17.71
CA GLY B 105 20.65 0.70 -16.63
C GLY B 105 20.89 -0.75 -17.05
N CYS B 106 20.25 -1.15 -18.15
CA CYS B 106 20.34 -2.52 -18.62
C CYS B 106 21.47 -2.71 -19.63
N THR B 107 22.03 -3.93 -19.65
CA THR B 107 23.05 -4.27 -20.62
C THR B 107 22.58 -5.41 -21.52
N HIS B 108 23.49 -5.95 -22.31
CA HIS B 108 23.20 -7.12 -23.13
C HIS B 108 23.92 -8.33 -22.57
N ASP B 109 23.53 -9.51 -23.04
CA ASP B 109 24.21 -10.74 -22.65
C ASP B 109 25.61 -10.76 -23.24
N HIS B 110 26.61 -10.45 -22.40
CA HIS B 110 27.99 -10.35 -22.86
C HIS B 110 28.61 -11.69 -23.25
N VAL B 111 27.86 -12.77 -23.02
CA VAL B 111 28.42 -14.11 -23.23
C VAL B 111 27.95 -14.76 -24.53
N HIS B 112 26.64 -14.79 -24.76
CA HIS B 112 26.11 -15.44 -25.94
C HIS B 112 25.06 -14.61 -26.68
N ASP B 113 24.95 -13.33 -26.30
CA ASP B 113 23.97 -12.41 -26.89
C ASP B 113 22.57 -13.01 -26.91
N VAL B 114 22.12 -13.43 -25.74
CA VAL B 114 20.86 -14.13 -25.58
C VAL B 114 19.70 -13.14 -25.34
N ASP B 115 18.53 -13.45 -25.90
CA ASP B 115 17.36 -12.58 -25.74
C ASP B 115 16.68 -12.74 -24.38
N TYR B 116 16.54 -13.98 -23.93
CA TYR B 116 15.89 -14.27 -22.66
C TYR B 116 16.74 -15.17 -21.77
N LEU B 117 16.93 -14.77 -20.52
CA LEU B 117 17.78 -15.48 -19.57
C LEU B 117 17.54 -17.00 -19.53
N ARG B 118 16.32 -17.40 -19.88
CA ARG B 118 15.96 -18.82 -19.92
C ARG B 118 16.81 -19.60 -20.92
N GLU B 119 17.29 -18.93 -21.96
CA GLU B 119 18.13 -19.56 -22.98
C GLU B 119 19.43 -20.06 -22.36
N LEU B 120 20.01 -19.24 -21.48
CA LEU B 120 21.26 -19.58 -20.81
C LEU B 120 21.09 -20.78 -19.89
N TYR B 121 19.94 -20.88 -19.24
CA TYR B 121 19.63 -22.01 -18.38
C TYR B 121 19.57 -23.31 -19.18
N VAL B 122 18.85 -23.28 -20.29
CA VAL B 122 18.71 -24.44 -21.16
C VAL B 122 20.06 -24.86 -21.75
N ARG B 123 20.87 -23.87 -22.10
CA ARG B 123 22.21 -24.13 -22.64
C ARG B 123 23.08 -24.86 -21.61
N ALA B 124 23.01 -24.42 -20.37
CA ALA B 124 23.82 -25.01 -19.30
C ALA B 124 23.24 -26.36 -18.84
N ALA B 125 21.95 -26.54 -19.04
CA ALA B 125 21.27 -27.78 -18.65
C ALA B 125 20.08 -28.06 -19.56
N PRO B 126 20.30 -28.85 -20.63
CA PRO B 126 19.37 -29.14 -21.72
C PRO B 126 17.94 -29.51 -21.31
N ASP B 127 17.76 -30.30 -20.26
CA ASP B 127 16.41 -30.73 -19.85
C ASP B 127 16.13 -30.44 -18.39
N VAL B 128 16.61 -29.29 -17.91
CA VAL B 128 16.46 -28.92 -16.51
C VAL B 128 15.01 -28.54 -16.17
N THR B 129 14.59 -28.89 -14.95
CA THR B 129 13.32 -28.42 -14.42
C THR B 129 13.59 -27.43 -13.29
N CYS B 130 13.37 -26.15 -13.57
CA CYS B 130 13.67 -25.09 -12.61
C CYS B 130 12.96 -23.78 -12.94
N ARG B 131 13.15 -22.79 -12.08
CA ARG B 131 12.64 -21.44 -12.33
C ARG B 131 13.78 -20.51 -12.75
N VAL B 132 13.56 -19.78 -13.83
CA VAL B 132 14.58 -18.86 -14.33
C VAL B 132 14.70 -17.64 -13.42
N THR B 133 15.72 -17.63 -12.58
CA THR B 133 15.91 -16.57 -11.60
C THR B 133 17.32 -15.98 -11.64
N VAL B 134 17.48 -14.86 -10.95
CA VAL B 134 18.80 -14.26 -10.72
C VAL B 134 19.06 -14.30 -9.22
N PRO B 135 20.34 -14.28 -8.81
CA PRO B 135 21.58 -14.17 -9.58
C PRO B 135 22.02 -15.46 -10.25
N VAL B 136 22.90 -15.32 -11.25
CA VAL B 136 23.48 -16.46 -11.94
C VAL B 136 24.99 -16.26 -12.11
N LEU B 137 25.78 -17.13 -11.50
CA LEU B 137 27.22 -17.10 -11.70
C LEU B 137 27.58 -18.04 -12.84
N TRP B 138 28.26 -17.50 -13.85
CA TRP B 138 28.51 -18.24 -15.08
C TRP B 138 30.00 -18.45 -15.32
N ASP B 139 30.38 -19.68 -15.67
CA ASP B 139 31.76 -19.98 -16.05
C ASP B 139 31.90 -19.91 -17.56
N THR B 140 32.76 -19.03 -18.03
CA THR B 140 32.95 -18.83 -19.47
C THR B 140 33.94 -19.84 -20.06
N GLU B 141 34.41 -20.77 -19.23
CA GLU B 141 35.34 -21.80 -19.68
C GLU B 141 34.61 -23.11 -19.95
N GLU B 142 33.85 -23.58 -18.96
CA GLU B 142 33.04 -24.78 -19.13
C GLU B 142 31.72 -24.47 -19.82
N ASP B 143 31.45 -23.16 -19.98
CA ASP B 143 30.22 -22.69 -20.60
C ASP B 143 28.98 -23.24 -19.89
N THR B 144 28.86 -22.95 -18.60
CA THR B 144 27.73 -23.44 -17.81
C THR B 144 27.55 -22.61 -16.54
N ILE B 145 26.43 -22.82 -15.86
CA ILE B 145 26.14 -22.13 -14.61
C ILE B 145 26.96 -22.74 -13.48
N VAL B 146 27.62 -21.89 -12.70
CA VAL B 146 28.36 -22.34 -11.52
C VAL B 146 27.43 -22.45 -10.32
N ASN B 147 26.94 -21.32 -9.85
CA ASN B 147 26.07 -21.29 -8.68
C ASN B 147 24.78 -20.51 -8.96
N ASN B 148 23.81 -20.65 -8.07
CA ASN B 148 22.47 -20.09 -8.31
C ASN B 148 21.84 -19.48 -7.06
N GLU B 149 22.49 -19.65 -5.91
CA GLU B 149 21.97 -19.13 -4.66
C GLU B 149 22.70 -17.85 -4.24
N SER B 150 21.97 -16.93 -3.62
CA SER B 150 22.52 -15.63 -3.24
C SER B 150 23.61 -15.76 -2.17
N GLU B 151 23.31 -16.52 -1.12
CA GLU B 151 24.22 -16.65 0.01
C GLU B 151 25.51 -17.36 -0.36
N GLU B 152 25.42 -18.35 -1.23
CA GLU B 152 26.60 -19.12 -1.63
C GLU B 152 27.51 -18.30 -2.54
N ILE B 153 26.92 -17.58 -3.48
CA ILE B 153 27.68 -16.71 -4.38
C ILE B 153 28.31 -15.56 -3.60
N MET B 154 27.58 -15.07 -2.59
CA MET B 154 28.07 -13.96 -1.77
C MET B 154 29.32 -14.36 -0.98
N ARG B 155 29.26 -15.50 -0.30
CA ARG B 155 30.41 -16.01 0.43
C ARG B 155 31.53 -16.42 -0.53
N MET B 156 31.13 -16.83 -1.73
CA MET B 156 32.07 -17.15 -2.79
C MET B 156 32.88 -15.91 -3.17
N PHE B 157 32.17 -14.81 -3.41
CA PHE B 157 32.81 -13.54 -3.76
C PHE B 157 33.65 -13.01 -2.60
N ASP B 158 33.24 -13.33 -1.38
CA ASP B 158 33.82 -12.72 -0.19
C ASP B 158 35.11 -13.38 0.27
N THR B 159 35.20 -14.70 0.14
CA THR B 159 36.31 -15.44 0.74
C THR B 159 37.30 -15.99 -0.26
N GLU B 160 36.82 -16.46 -1.40
CA GLU B 160 37.64 -17.24 -2.33
C GLU B 160 38.45 -16.39 -3.32
N PHE B 161 38.02 -15.14 -3.53
CA PHE B 161 38.65 -14.30 -4.53
C PHE B 161 39.61 -13.26 -3.95
N ASP B 162 40.25 -13.60 -2.83
CA ASP B 162 41.18 -12.69 -2.18
C ASP B 162 42.36 -12.32 -3.07
N GLU B 163 42.72 -13.23 -3.97
CA GLU B 163 43.86 -13.05 -4.85
C GLU B 163 43.59 -11.99 -5.92
N PHE B 164 42.32 -11.72 -6.19
CA PHE B 164 41.94 -10.82 -7.27
C PHE B 164 41.16 -9.61 -6.77
N ALA B 165 41.16 -9.40 -5.46
CA ALA B 165 40.44 -8.28 -4.86
C ALA B 165 41.16 -6.96 -5.13
N ASP B 166 40.50 -5.86 -4.79
CA ASP B 166 41.09 -4.53 -4.89
C ASP B 166 41.16 -3.87 -3.52
N HIS B 167 40.11 -4.07 -2.74
CA HIS B 167 40.07 -3.55 -1.37
C HIS B 167 40.25 -4.70 -0.39
N THR B 168 40.87 -4.42 0.74
CA THR B 168 41.07 -5.45 1.76
C THR B 168 39.97 -5.37 2.81
N VAL B 169 38.76 -5.74 2.39
CA VAL B 169 37.63 -5.81 3.32
C VAL B 169 37.30 -7.27 3.59
N ASP B 170 36.83 -7.55 4.80
CA ASP B 170 36.54 -8.92 5.20
C ASP B 170 35.15 -9.02 5.79
N LEU B 171 34.17 -9.31 4.93
CA LEU B 171 32.76 -9.36 5.33
C LEU B 171 32.40 -10.67 6.02
N TYR B 172 33.42 -11.48 6.31
CA TYR B 172 33.21 -12.74 7.03
C TYR B 172 34.44 -13.05 7.88
N PRO B 173 34.76 -12.17 8.84
CA PRO B 173 36.03 -12.27 9.56
C PRO B 173 36.02 -13.29 10.69
N GLU B 174 37.18 -13.83 11.02
CA GLU B 174 37.33 -14.78 12.12
C GLU B 174 36.95 -14.12 13.43
N GLY B 175 36.31 -14.88 14.31
CA GLY B 175 35.89 -14.38 15.60
C GLY B 175 34.47 -13.86 15.56
N TYR B 176 33.96 -13.65 14.35
CA TYR B 176 32.61 -13.15 14.16
C TYR B 176 31.77 -14.10 13.31
N GLN B 177 32.45 -15.03 12.63
CA GLN B 177 31.81 -15.93 11.66
C GLN B 177 30.59 -16.68 12.19
N GLU B 178 30.70 -17.22 13.40
CA GLU B 178 29.64 -18.05 13.97
C GLU B 178 28.32 -17.29 14.11
N LYS B 179 28.40 -16.01 14.46
CA LYS B 179 27.21 -15.19 14.60
C LYS B 179 26.66 -14.81 13.23
N VAL B 180 27.57 -14.46 12.33
CA VAL B 180 27.21 -14.11 10.96
C VAL B 180 26.24 -15.09 10.31
N ASP B 181 26.53 -16.38 10.45
CA ASP B 181 25.84 -17.41 9.67
C ASP B 181 24.46 -17.67 10.24
N GLN B 182 24.36 -17.37 11.51
CA GLN B 182 23.18 -17.76 12.26
C GLN B 182 22.15 -16.67 12.10
N ILE B 183 22.60 -15.42 12.18
CA ILE B 183 21.83 -14.24 11.77
C ILE B 183 21.27 -14.35 10.35
N ILE B 184 22.08 -14.86 9.43
CA ILE B 184 21.70 -14.98 8.03
C ILE B 184 20.47 -15.88 7.84
N ASP B 185 20.46 -17.04 8.50
CA ASP B 185 19.31 -17.92 8.37
C ASP B 185 18.26 -17.68 9.46
N ASN B 186 18.53 -16.73 10.35
CA ASN B 186 17.54 -16.32 11.35
C ASN B 186 16.64 -15.20 10.83
N ILE B 187 17.13 -14.50 9.82
CA ILE B 187 16.35 -13.42 9.22
C ILE B 187 15.85 -13.82 7.83
N TYR B 188 16.24 -15.01 7.39
CA TYR B 188 15.86 -15.51 6.07
C TYR B 188 14.35 -15.63 5.93
N GLU B 189 13.73 -16.43 6.79
CA GLU B 189 12.30 -16.67 6.73
C GLU B 189 11.45 -15.47 7.21
N PRO B 190 11.75 -14.91 8.40
CA PRO B 190 10.84 -13.85 8.84
C PRO B 190 11.02 -12.52 8.10
N ILE B 191 12.23 -12.19 7.68
CA ILE B 191 12.51 -10.89 7.08
C ILE B 191 12.72 -10.96 5.57
N ASN B 192 13.77 -11.64 5.14
CA ASN B 192 14.15 -11.66 3.73
C ASN B 192 13.11 -12.32 2.83
N ASN B 193 12.57 -13.45 3.26
CA ASN B 193 11.60 -14.18 2.46
C ASN B 193 10.18 -13.94 2.95
N GLY B 194 10.05 -13.30 4.11
CA GLY B 194 8.76 -13.07 4.74
C GLY B 194 7.87 -12.10 3.98
N VAL B 195 8.47 -11.04 3.44
CA VAL B 195 7.70 -10.02 2.73
C VAL B 195 7.03 -10.59 1.48
N TYR B 196 7.67 -11.58 0.87
CA TYR B 196 7.12 -12.23 -0.32
C TYR B 196 6.05 -13.24 0.09
N ARG B 197 6.21 -13.83 1.27
CA ARG B 197 5.20 -14.71 1.83
C ARG B 197 3.91 -13.92 2.07
N ALA B 198 4.07 -12.72 2.60
CA ALA B 198 2.94 -11.83 2.85
C ALA B 198 2.41 -11.24 1.55
N GLY B 199 3.33 -10.86 0.66
CA GLY B 199 2.97 -10.22 -0.59
C GLY B 199 2.16 -11.09 -1.53
N PHE B 200 2.63 -12.32 -1.77
CA PHE B 200 1.96 -13.22 -2.69
C PHE B 200 0.97 -14.13 -1.96
N ALA B 201 0.50 -13.69 -0.79
CA ALA B 201 -0.44 -14.47 0.00
C ALA B 201 -1.82 -14.46 -0.64
N THR B 202 -2.46 -15.63 -0.68
CA THR B 202 -3.80 -15.76 -1.24
C THR B 202 -4.83 -16.02 -0.16
N GLU B 203 -4.36 -16.32 1.04
CA GLU B 203 -5.25 -16.57 2.18
C GLU B 203 -4.93 -15.62 3.34
N GLN B 204 -5.95 -15.28 4.11
CA GLN B 204 -5.82 -14.29 5.17
C GLN B 204 -4.88 -14.73 6.29
N GLU B 205 -4.98 -16.02 6.66
CA GLU B 205 -4.21 -16.55 7.79
C GLU B 205 -2.69 -16.55 7.56
N PRO B 206 -2.21 -16.99 6.37
CA PRO B 206 -0.76 -16.89 6.15
C PRO B 206 -0.25 -15.45 6.17
N TYR B 207 -1.02 -14.53 5.59
CA TYR B 207 -0.63 -13.12 5.58
C TYR B 207 -0.47 -12.60 7.00
N ASP B 208 -1.44 -12.91 7.86
CA ASP B 208 -1.40 -12.49 9.25
C ASP B 208 -0.14 -12.99 9.94
N GLU B 209 0.19 -14.25 9.71
CA GLU B 209 1.41 -14.84 10.25
C GLU B 209 2.65 -14.16 9.68
N ALA B 210 2.70 -14.02 8.36
CA ALA B 210 3.85 -13.45 7.67
C ALA B 210 4.15 -12.04 8.15
N VAL B 211 3.11 -11.24 8.33
CA VAL B 211 3.27 -9.88 8.82
C VAL B 211 3.71 -9.85 10.27
N ALA B 212 3.12 -10.73 11.08
CA ALA B 212 3.42 -10.81 12.51
C ALA B 212 4.89 -11.16 12.75
N GLU B 213 5.36 -12.22 12.11
CA GLU B 213 6.73 -12.68 12.30
C GLU B 213 7.73 -11.68 11.71
N LEU B 214 7.33 -11.01 10.63
CA LEU B 214 8.21 -10.05 9.96
C LEU B 214 8.48 -8.82 10.82
N PHE B 215 7.43 -8.24 11.38
CA PHE B 215 7.57 -7.04 12.19
C PHE B 215 8.03 -7.37 13.60
N GLY B 216 7.81 -8.62 14.03
CA GLY B 216 8.37 -9.09 15.27
C GLY B 216 9.87 -9.17 15.14
N ALA B 217 10.32 -9.59 13.97
CA ALA B 217 11.75 -9.73 13.69
C ALA B 217 12.42 -8.37 13.52
N LEU B 218 11.72 -7.44 12.87
CA LEU B 218 12.26 -6.10 12.66
C LEU B 218 12.43 -5.34 13.97
N ALA B 219 11.44 -5.46 14.84
CA ALA B 219 11.50 -4.80 16.14
C ALA B 219 12.64 -5.37 16.99
N HIS B 220 12.94 -6.64 16.78
CA HIS B 220 14.02 -7.29 17.51
C HIS B 220 15.38 -6.70 17.18
N TRP B 221 15.75 -6.71 15.90
CA TRP B 221 17.05 -6.21 15.47
C TRP B 221 17.14 -4.70 15.64
N ASP B 222 15.99 -4.04 15.71
CA ASP B 222 15.97 -2.60 16.00
C ASP B 222 16.37 -2.38 17.46
N ASP B 223 16.03 -3.34 18.32
CA ASP B 223 16.43 -3.30 19.71
C ASP B 223 17.93 -3.56 19.84
N VAL B 224 18.40 -4.54 19.09
CA VAL B 224 19.81 -4.96 19.15
C VAL B 224 20.74 -3.89 18.58
N LEU B 225 20.37 -3.33 17.43
CA LEU B 225 21.20 -2.33 16.75
C LEU B 225 21.19 -0.98 17.46
N ALA B 226 20.49 -0.90 18.58
CA ALA B 226 20.45 0.33 19.36
C ALA B 226 21.77 0.56 20.09
N ASP B 227 22.42 -0.53 20.49
CA ASP B 227 23.64 -0.44 21.28
C ASP B 227 24.87 -0.94 20.51
N GLN B 228 24.64 -1.61 19.39
CA GLN B 228 25.74 -2.05 18.53
C GLN B 228 25.54 -1.56 17.10
N ARG B 229 26.62 -1.27 16.40
CA ARG B 229 26.55 -0.62 15.09
C ARG B 229 26.05 -1.55 14.00
N TYR B 230 26.54 -2.79 13.99
CA TYR B 230 26.17 -3.75 12.95
C TYR B 230 25.57 -5.02 13.54
N LEU B 231 24.99 -5.86 12.67
CA LEU B 231 24.27 -7.04 13.10
C LEU B 231 25.14 -8.02 13.88
N ALA B 232 26.34 -8.30 13.37
CA ALA B 232 27.26 -9.20 14.06
C ALA B 232 28.10 -8.45 15.08
N GLY B 233 27.76 -7.18 15.30
CA GLY B 233 28.37 -6.41 16.36
C GLY B 233 29.38 -5.37 15.91
N ASP B 234 30.65 -5.76 15.93
CA ASP B 234 31.75 -4.81 15.79
C ASP B 234 32.03 -4.36 14.36
N ARG B 235 31.88 -5.25 13.39
CA ARG B 235 32.28 -4.96 12.02
C ARG B 235 31.20 -5.24 10.99
N LEU B 236 31.32 -4.59 9.83
CA LEU B 236 30.41 -4.82 8.71
C LEU B 236 30.52 -6.27 8.26
N THR B 237 29.45 -6.79 7.67
CA THR B 237 29.27 -8.23 7.60
C THR B 237 28.27 -8.64 6.50
N GLU B 238 28.43 -9.85 5.95
CA GLU B 238 27.47 -10.42 5.01
C GLU B 238 26.03 -10.39 5.52
N ALA B 239 25.88 -10.55 6.84
CA ALA B 239 24.56 -10.49 7.47
C ALA B 239 23.91 -9.14 7.23
N ASP B 240 24.73 -8.09 7.24
CA ASP B 240 24.24 -6.74 6.97
C ASP B 240 23.83 -6.60 5.51
N ILE B 241 24.47 -7.39 4.63
CA ILE B 241 24.15 -7.36 3.21
C ILE B 241 22.79 -7.98 2.95
N ALA B 242 22.49 -9.06 3.68
CA ALA B 242 21.21 -9.75 3.53
C ALA B 242 20.06 -8.88 4.03
N MET B 243 20.28 -8.18 5.13
CA MET B 243 19.28 -7.30 5.71
C MET B 243 19.07 -6.05 4.87
N PHE B 244 20.15 -5.51 4.33
CA PHE B 244 20.13 -4.25 3.59
C PHE B 244 19.31 -4.32 2.31
N THR B 245 19.48 -5.40 1.55
CA THR B 245 18.80 -5.54 0.26
C THR B 245 17.28 -5.65 0.42
N THR B 246 16.84 -5.94 1.64
CA THR B 246 15.42 -5.98 1.95
C THR B 246 14.94 -4.64 2.47
N LEU B 247 15.70 -4.08 3.41
CA LEU B 247 15.36 -2.81 4.05
C LEU B 247 15.27 -1.66 3.05
N VAL B 248 16.15 -1.68 2.04
CA VAL B 248 16.22 -0.59 1.07
C VAL B 248 15.06 -0.67 0.08
N ARG B 249 14.29 -1.75 0.15
CA ARG B 249 13.15 -1.94 -0.75
C ARG B 249 11.83 -1.94 0.00
N PHE B 250 11.88 -1.67 1.30
CA PHE B 250 10.71 -1.79 2.16
C PHE B 250 9.73 -0.62 2.01
N ASP B 251 10.19 0.58 2.34
CA ASP B 251 9.33 1.75 2.39
C ASP B 251 8.80 2.17 1.02
N ASN B 252 9.48 1.77 -0.04
CA ASN B 252 9.05 2.10 -1.39
C ASN B 252 8.20 1.01 -2.04
N VAL B 253 8.42 -0.23 -1.63
CA VAL B 253 7.74 -1.36 -2.25
C VAL B 253 7.03 -2.28 -1.25
N TYR B 254 7.82 -2.96 -0.41
CA TYR B 254 7.30 -3.99 0.50
C TYR B 254 6.16 -3.49 1.36
N HIS B 255 6.30 -2.28 1.89
CA HIS B 255 5.30 -1.68 2.76
C HIS B 255 3.94 -1.54 2.08
N THR B 256 3.94 -0.99 0.87
CA THR B 256 2.71 -0.72 0.15
C THR B 256 2.31 -1.87 -0.77
N HIS B 257 3.18 -2.20 -1.72
CA HIS B 257 2.89 -3.19 -2.74
C HIS B 257 2.61 -4.57 -2.15
N PHE B 258 3.40 -4.98 -1.18
CA PHE B 258 3.22 -6.28 -0.54
C PHE B 258 2.40 -6.17 0.75
N MET B 259 1.84 -4.99 0.97
CA MET B 259 0.96 -4.73 2.11
C MET B 259 1.58 -5.05 3.47
N CYS B 260 2.88 -4.83 3.59
CA CYS B 260 3.55 -4.94 4.88
C CYS B 260 3.54 -3.57 5.55
N ASN B 261 2.35 -3.12 5.90
CA ASN B 261 2.13 -1.72 6.26
C ASN B 261 1.87 -1.44 7.74
N VAL B 262 2.54 -2.19 8.62
CA VAL B 262 2.40 -1.96 10.05
C VAL B 262 3.20 -0.72 10.46
N GLN B 263 4.37 -0.54 9.84
CA GLN B 263 5.23 0.58 10.18
C GLN B 263 6.34 0.79 9.14
N TYR B 264 6.62 2.04 8.82
CA TYR B 264 7.76 2.40 7.97
C TYR B 264 9.07 1.94 8.59
N ILE B 265 10.07 1.67 7.75
CA ILE B 265 11.41 1.38 8.24
C ILE B 265 12.00 2.67 8.81
N ARG B 266 11.67 3.80 8.20
CA ARG B 266 12.15 5.10 8.66
C ARG B 266 11.54 5.48 10.00
N GLU B 267 10.46 4.81 10.38
CA GLU B 267 9.78 5.09 11.64
C GLU B 267 10.43 4.39 12.83
N PHE B 268 11.47 3.60 12.55
CA PHE B 268 12.21 2.93 13.62
C PHE B 268 13.30 3.82 14.18
N ASP B 269 13.59 3.66 15.46
CA ASP B 269 14.60 4.47 16.14
C ASP B 269 16.01 4.18 15.65
N ASN B 270 16.30 2.89 15.43
CA ASN B 270 17.66 2.48 15.11
C ASN B 270 17.81 1.88 13.71
N LEU B 271 16.79 1.17 13.24
CA LEU B 271 16.85 0.52 11.94
C LEU B 271 17.03 1.51 10.78
N TRP B 272 16.52 2.72 10.98
CA TRP B 272 16.56 3.73 9.92
C TRP B 272 17.92 4.42 9.77
N PRO B 273 18.53 4.89 10.88
CA PRO B 273 19.88 5.45 10.68
C PRO B 273 20.88 4.37 10.29
N TYR B 274 20.60 3.13 10.70
CA TYR B 274 21.42 1.98 10.36
C TYR B 274 21.40 1.73 8.85
N LEU B 275 20.22 1.86 8.26
CA LEU B 275 20.06 1.71 6.81
C LEU B 275 20.78 2.84 6.09
N ARG B 276 20.71 4.04 6.67
CA ARG B 276 21.41 5.19 6.11
C ARG B 276 22.92 5.03 6.26
N ASP B 277 23.34 4.26 7.25
CA ASP B 277 24.76 4.01 7.47
C ASP B 277 25.32 3.06 6.42
N LEU B 278 24.52 2.04 6.06
CA LEU B 278 24.94 1.08 5.05
C LEU B 278 24.94 1.70 3.66
N TYR B 279 23.91 2.50 3.38
CA TYR B 279 23.74 3.14 2.09
C TYR B 279 24.93 4.04 1.75
N GLN B 280 25.37 4.82 2.74
CA GLN B 280 26.40 5.84 2.52
C GLN B 280 27.82 5.29 2.55
N THR B 281 27.97 4.03 2.97
CA THR B 281 29.25 3.34 2.90
C THR B 281 29.71 3.39 1.45
N HIS B 282 31.02 3.56 1.23
CA HIS B 282 31.49 3.73 -0.14
C HIS B 282 31.09 2.60 -1.06
N GLY B 283 30.59 2.97 -2.24
CA GLY B 283 30.27 1.97 -3.25
C GLY B 283 28.85 1.43 -3.21
N ILE B 284 28.27 1.33 -2.01
CA ILE B 284 26.92 0.79 -1.85
C ILE B 284 25.90 1.75 -2.47
N ALA B 285 26.26 3.02 -2.55
CA ALA B 285 25.38 4.02 -3.15
C ALA B 285 25.10 3.73 -4.62
N GLU B 286 26.11 3.26 -5.35
CA GLU B 286 25.99 3.06 -6.78
C GLU B 286 25.31 1.74 -7.15
N THR B 287 25.17 0.84 -6.18
CA THR B 287 24.56 -0.47 -6.46
C THR B 287 23.05 -0.44 -6.30
N VAL B 288 22.53 0.71 -5.86
CA VAL B 288 21.08 0.86 -5.69
C VAL B 288 20.45 1.56 -6.88
N GLU B 289 19.52 0.86 -7.54
CA GLU B 289 18.76 1.43 -8.64
C GLU B 289 17.28 1.39 -8.32
N MET B 290 16.81 2.42 -7.61
CA MET B 290 15.44 2.47 -7.11
C MET B 290 14.41 2.41 -8.23
N ASP B 291 14.75 2.97 -9.39
CA ASP B 291 13.84 2.98 -10.52
C ASP B 291 13.61 1.57 -11.05
N HIS B 292 14.68 0.77 -11.07
CA HIS B 292 14.57 -0.65 -11.43
C HIS B 292 13.70 -1.37 -10.41
N ILE B 293 13.90 -1.02 -9.14
CA ILE B 293 13.15 -1.63 -8.04
C ILE B 293 11.66 -1.32 -8.13
N THR B 294 11.33 -0.04 -8.25
CA THR B 294 9.94 0.40 -8.27
C THR B 294 9.22 -0.05 -9.54
N GLU B 295 9.93 -0.07 -10.67
CA GLU B 295 9.29 -0.47 -11.93
C GLU B 295 8.93 -1.94 -11.93
N HIS B 296 9.84 -2.79 -11.46
CA HIS B 296 9.65 -4.24 -11.56
C HIS B 296 8.47 -4.75 -10.73
N TYR B 297 8.40 -4.35 -9.46
CA TYR B 297 7.38 -4.87 -8.57
C TYR B 297 5.98 -4.38 -8.91
N TYR B 298 5.87 -3.12 -9.34
CA TYR B 298 4.58 -2.52 -9.61
C TYR B 298 4.07 -2.82 -11.03
N THR B 299 4.91 -3.41 -11.87
CA THR B 299 4.53 -3.66 -13.26
C THR B 299 4.48 -5.15 -13.62
N THR B 300 5.24 -5.96 -12.89
CA THR B 300 5.38 -7.37 -13.25
C THR B 300 4.51 -8.29 -12.38
N HIS B 301 3.66 -7.70 -11.55
CA HIS B 301 2.78 -8.49 -10.68
C HIS B 301 1.31 -8.17 -10.94
N PRO B 302 0.74 -8.76 -12.02
CA PRO B 302 -0.64 -8.52 -12.45
C PRO B 302 -1.70 -8.92 -11.44
N ASP B 303 -1.41 -9.89 -10.58
CA ASP B 303 -2.39 -10.35 -9.60
C ASP B 303 -2.19 -9.67 -8.24
N VAL B 304 -1.18 -8.80 -8.16
CA VAL B 304 -0.96 -8.01 -6.96
C VAL B 304 -1.30 -6.55 -7.25
N ASN B 305 -0.98 -6.11 -8.46
CA ASN B 305 -1.25 -4.74 -8.90
C ASN B 305 -1.71 -4.73 -10.35
N PRO B 306 -2.98 -5.07 -10.60
CA PRO B 306 -3.57 -5.30 -11.92
C PRO B 306 -3.29 -4.21 -12.96
N HIS B 307 -3.53 -2.96 -12.62
CA HIS B 307 -3.38 -1.87 -13.58
C HIS B 307 -1.94 -1.38 -13.69
N ARG B 308 -1.05 -2.06 -12.96
CA ARG B 308 0.39 -1.85 -13.07
C ARG B 308 0.83 -0.38 -12.89
N ILE B 309 0.23 0.29 -11.91
CA ILE B 309 0.61 1.67 -11.61
C ILE B 309 1.72 1.70 -10.57
N VAL B 310 2.80 2.42 -10.88
CA VAL B 310 3.92 2.55 -9.95
C VAL B 310 3.64 3.60 -8.88
N ALA B 311 3.63 3.17 -7.63
CA ALA B 311 3.37 4.07 -6.51
C ALA B 311 4.50 5.08 -6.37
N ARG B 312 4.18 6.23 -5.80
CA ARG B 312 5.16 7.31 -5.64
C ARG B 312 6.14 7.01 -4.51
N GLY B 313 5.61 6.62 -3.36
CA GLY B 313 6.45 6.30 -2.21
C GLY B 313 6.93 7.55 -1.50
N PRO B 314 7.49 7.37 -0.29
CA PRO B 314 7.97 8.47 0.54
C PRO B 314 9.21 9.14 -0.04
N ASP B 315 9.51 10.36 0.42
CA ASP B 315 10.71 11.07 0.01
C ASP B 315 11.85 10.73 0.96
N LEU B 316 12.49 9.60 0.72
CA LEU B 316 13.55 9.11 1.60
C LEU B 316 14.89 9.76 1.29
N ASP B 317 15.51 10.35 2.31
CA ASP B 317 16.85 10.92 2.16
C ASP B 317 17.87 9.99 2.80
N PHE B 318 18.32 9.00 2.03
CA PHE B 318 19.35 8.07 2.48
C PHE B 318 20.65 8.82 2.80
N GLU B 319 20.84 9.95 2.14
CA GLU B 319 22.08 10.71 2.22
C GLU B 319 22.15 11.58 3.48
N ALA B 320 21.06 11.59 4.26
CA ALA B 320 21.00 12.39 5.48
C ALA B 320 21.99 11.90 6.52
N PRO B 321 22.72 12.84 7.15
CA PRO B 321 23.75 12.52 8.15
C PRO B 321 23.20 11.76 9.35
N HIS B 322 24.00 10.84 9.89
CA HIS B 322 23.60 10.06 11.05
C HIS B 322 24.69 10.07 12.12
N SER B 323 24.46 9.34 13.21
CA SER B 323 25.44 9.27 14.29
C SER B 323 25.55 7.84 14.82
N ARG B 324 26.02 6.93 13.97
CA ARG B 324 26.28 5.57 14.38
C ARG B 324 27.77 5.25 14.24
N ASP B 325 28.51 6.23 13.72
CA ASP B 325 29.97 6.19 13.74
C ASP B 325 30.43 6.36 15.18
N GLU B 326 29.55 6.94 15.99
CA GLU B 326 29.73 7.07 17.42
C GLU B 326 29.88 5.70 18.07
N LEU B 327 29.19 4.72 17.50
CA LEU B 327 29.41 3.32 17.82
C LEU B 327 30.59 2.84 16.99
N ALA B 328 31.39 1.93 17.55
CA ALA B 328 32.67 1.55 16.91
C ALA B 328 32.49 0.58 15.74
N GLY B 329 32.94 1.01 14.56
CA GLY B 329 32.89 0.19 13.37
C GLY B 329 33.53 0.87 12.17
N GLU B 330 33.61 0.16 11.05
CA GLU B 330 34.20 0.72 9.84
C GLU B 330 33.33 1.82 9.26
#